data_7T4W
#
_entry.id   7T4W
#
_cell.length_a   93.000
_cell.length_b   102.621
_cell.length_c   104.028
_cell.angle_alpha   90.000
_cell.angle_beta   90.000
_cell.angle_gamma   90.000
#
_symmetry.space_group_name_H-M   'P 21 21 21'
#
loop_
_entity.id
_entity.type
_entity.pdbx_description
1 polymer 'cGMP-dependent protein kinase 1'
2 non-polymer (2R)-2-({(2S,3S)-1-[(1H-benzimidazol-2-yl)methyl]-2-phenylpiperidin-3-yl}oxy)-2-(3,5-dichlorophenyl)ethan-1-ol
3 non-polymer 'CHLORIDE ION'
4 water water
#
_entity_poly.entity_id   1
_entity_poly.type   'polypeptide(L)'
_entity_poly.pdbx_seq_one_letter_code
;STGLIKHTEYMEFLKSVPTFQSLPEEILSKLADVLEETHYENGEYIIRQGARGDTFFIISKGTVNVTREDSPSEDPVFLR
TLGKGDWFGEKALQGEDVRTANVIAAEAVTCLVIDRDSFKHLIGGLDDVSNKAYEDAEAKAKYEAEAAFFANLKLSDFNI
IDTLGVGGFGRVELVQLKSEESKTFAMKILKKRHIVDTRQQEHIRSEKQIMQGAHSDFIVRLYRTFKDSKYLYMLMEACL
GGELWTILRDRGSFEDSTTRFYTACVVEAFAYLHSKGIIYRDLKPENLILDHRGYAKLVDFGFAKKIGFGKKTW(TPO)F
CGTPEYVAPEIILNKGHDISADYWSLGILMYELLTGSPPFSGPDPMKTYNIILRGIDMIEFPKKIAKNAANLIKKLCRDN
PSERLGNLKNGVKDIQKHKWFEGFNWEGLRKGTLTPPIIPSVASPTDTSNFDSFPEDNDEPPPDDNSGWDIDF
;
_entity_poly.pdbx_strand_id   A,B
#
# COMPACT_ATOMS: atom_id res chain seq x y z
N GLY A 3 19.16 8.00 -43.71
CA GLY A 3 18.99 9.18 -44.54
C GLY A 3 17.92 10.15 -44.06
N LEU A 4 17.53 11.11 -44.93
CA LEU A 4 16.53 12.14 -44.59
C LEU A 4 15.17 11.55 -44.23
N ILE A 5 14.68 10.57 -45.02
CA ILE A 5 13.39 9.91 -44.73
C ILE A 5 13.47 9.21 -43.37
N LYS A 6 14.42 8.28 -43.19
CA LYS A 6 14.58 7.51 -41.94
C LYS A 6 14.82 8.41 -40.72
N HIS A 7 15.52 9.55 -40.91
CA HIS A 7 15.78 10.52 -39.85
C HIS A 7 14.46 11.19 -39.41
N THR A 8 13.65 11.64 -40.37
CA THR A 8 12.34 12.23 -40.07
C THR A 8 11.39 11.18 -39.49
N GLU A 9 11.49 9.91 -39.94
CA GLU A 9 10.66 8.83 -39.38
C GLU A 9 11.02 8.57 -37.92
N TYR A 10 12.32 8.60 -37.57
CA TYR A 10 12.76 8.48 -36.17
C TYR A 10 12.33 9.73 -35.39
N MET A 11 12.38 10.89 -36.05
CA MET A 11 11.97 12.16 -35.43
C MET A 11 10.48 12.14 -35.10
N GLU A 12 9.64 11.70 -36.07
CA GLU A 12 8.18 11.59 -35.89
C GLU A 12 7.84 10.52 -34.86
N PHE A 13 8.66 9.45 -34.78
CA PHE A 13 8.47 8.39 -33.81
C PHE A 13 8.76 8.89 -32.38
N LEU A 14 9.96 9.49 -32.12
CA LEU A 14 10.33 10.01 -30.79
C LEU A 14 9.35 11.08 -30.26
N LYS A 15 8.74 11.86 -31.17
CA LYS A 15 7.72 12.85 -30.80
C LYS A 15 6.42 12.17 -30.22
N SER A 16 6.17 10.90 -30.58
CA SER A 16 5.02 10.10 -30.10
C SER A 16 5.33 9.33 -28.80
N VAL A 17 6.61 9.31 -28.34
CA VAL A 17 7.02 8.58 -27.15
C VAL A 17 6.78 9.47 -25.92
N PRO A 18 6.11 8.91 -24.89
CA PRO A 18 5.72 9.72 -23.70
C PRO A 18 6.71 10.74 -23.11
N THR A 19 7.94 10.34 -22.79
CA THR A 19 8.88 11.27 -22.14
C THR A 19 9.79 11.99 -23.11
N PHE A 20 10.05 11.37 -24.27
CA PHE A 20 10.97 11.91 -25.26
C PHE A 20 10.37 13.05 -26.06
N GLN A 21 9.02 13.16 -26.12
CA GLN A 21 8.34 14.23 -26.86
C GLN A 21 8.53 15.64 -26.25
N SER A 22 8.67 15.74 -24.91
CA SER A 22 8.88 17.03 -24.25
C SER A 22 10.26 17.67 -24.57
N LEU A 23 11.26 16.86 -24.98
CA LEU A 23 12.62 17.32 -25.23
C LEU A 23 12.80 18.27 -26.44
N PRO A 24 13.85 19.12 -26.41
CA PRO A 24 14.12 20.01 -27.56
C PRO A 24 14.37 19.27 -28.88
N GLU A 25 14.10 19.96 -30.01
CA GLU A 25 14.27 19.40 -31.35
C GLU A 25 15.72 19.06 -31.65
N GLU A 26 16.65 19.83 -31.05
CA GLU A 26 18.10 19.66 -31.16
C GLU A 26 18.51 18.24 -30.80
N ILE A 27 18.04 17.82 -29.62
CA ILE A 27 18.33 16.51 -29.03
C ILE A 27 17.67 15.43 -29.91
N LEU A 28 16.36 15.61 -30.21
CA LEU A 28 15.60 14.66 -31.02
C LEU A 28 16.28 14.38 -32.38
N SER A 29 16.82 15.41 -33.05
CA SER A 29 17.51 15.22 -34.33
C SER A 29 18.85 14.53 -34.10
N LYS A 30 19.62 14.99 -33.08
CA LYS A 30 20.90 14.35 -32.72
C LYS A 30 20.68 12.84 -32.40
N LEU A 31 19.54 12.48 -31.77
CA LEU A 31 19.18 11.07 -31.49
C LEU A 31 18.92 10.33 -32.81
N ALA A 32 18.02 10.89 -33.64
CA ALA A 32 17.67 10.34 -34.95
C ALA A 32 18.91 10.18 -35.90
N ASP A 33 20.01 10.93 -35.68
CA ASP A 33 21.24 10.75 -36.48
C ASP A 33 21.96 9.45 -36.06
N VAL A 34 21.99 9.16 -34.72
CA VAL A 34 22.73 8.01 -34.13
C VAL A 34 21.85 6.84 -33.70
N LEU A 35 20.52 6.88 -33.87
CA LEU A 35 19.74 5.70 -33.48
C LEU A 35 19.82 4.66 -34.61
N GLU A 36 20.18 3.41 -34.25
CA GLU A 36 20.29 2.30 -35.20
C GLU A 36 19.07 1.42 -35.07
N GLU A 37 18.74 0.68 -36.12
CA GLU A 37 17.55 -0.20 -36.15
C GLU A 37 17.98 -1.69 -36.06
N THR A 38 17.47 -2.42 -35.08
CA THR A 38 17.76 -3.84 -34.87
C THR A 38 16.44 -4.61 -34.95
N HIS A 39 16.48 -5.86 -35.49
CA HIS A 39 15.27 -6.69 -35.68
C HIS A 39 15.35 -8.06 -34.98
N TYR A 40 14.19 -8.55 -34.53
CA TYR A 40 14.06 -9.80 -33.79
C TYR A 40 12.79 -10.52 -34.19
N GLU A 41 12.84 -11.86 -34.30
CA GLU A 41 11.66 -12.68 -34.58
C GLU A 41 11.09 -13.20 -33.25
N ASN A 42 9.85 -13.73 -33.25
CA ASN A 42 9.16 -14.20 -32.02
C ASN A 42 10.05 -15.12 -31.17
N GLY A 43 9.99 -14.94 -29.85
CA GLY A 43 10.75 -15.73 -28.90
C GLY A 43 12.24 -15.43 -28.79
N GLU A 44 12.81 -14.58 -29.68
CA GLU A 44 14.24 -14.26 -29.67
C GLU A 44 14.59 -13.39 -28.49
N TYR A 45 15.67 -13.75 -27.76
CA TYR A 45 16.11 -13.01 -26.59
C TYR A 45 16.88 -11.76 -27.02
N ILE A 46 16.32 -10.56 -26.74
CA ILE A 46 16.96 -9.27 -27.03
C ILE A 46 18.06 -9.07 -25.99
N ILE A 47 17.71 -9.35 -24.73
CA ILE A 47 18.59 -9.29 -23.56
C ILE A 47 18.44 -10.60 -22.80
N ARG A 48 19.54 -11.13 -22.28
CA ARG A 48 19.52 -12.31 -21.41
C ARG A 48 19.95 -11.83 -20.03
N GLN A 49 19.40 -12.45 -18.99
CA GLN A 49 19.73 -12.11 -17.61
C GLN A 49 21.13 -12.65 -17.27
N GLY A 50 21.95 -11.78 -16.67
CA GLY A 50 23.34 -12.11 -16.34
C GLY A 50 24.32 -11.70 -17.42
N ALA A 51 23.84 -11.39 -18.66
CA ALA A 51 24.71 -10.94 -19.75
C ALA A 51 25.18 -9.51 -19.46
N ARG A 52 26.35 -9.19 -20.00
CA ARG A 52 27.00 -7.89 -19.85
C ARG A 52 26.61 -7.08 -21.09
N GLY A 53 26.03 -5.89 -20.91
CA GLY A 53 25.57 -5.09 -22.05
C GLY A 53 25.81 -3.60 -21.94
N ASP A 54 25.97 -2.93 -23.11
CA ASP A 54 26.26 -1.50 -23.24
C ASP A 54 25.21 -0.74 -24.10
N THR A 55 24.08 -1.39 -24.48
CA THR A 55 23.08 -0.84 -25.40
C THR A 55 21.67 -0.73 -24.77
N PHE A 56 21.01 0.44 -24.99
CA PHE A 56 19.66 0.82 -24.56
C PHE A 56 18.78 0.59 -25.75
N PHE A 57 17.51 0.24 -25.51
CA PHE A 57 16.56 -0.04 -26.57
C PHE A 57 15.25 0.72 -26.36
N ILE A 58 14.72 1.34 -27.43
CA ILE A 58 13.35 1.90 -27.51
C ILE A 58 12.63 1.02 -28.55
N ILE A 59 11.38 0.61 -28.26
CA ILE A 59 10.59 -0.32 -29.10
C ILE A 59 9.82 0.48 -30.15
N SER A 60 10.09 0.25 -31.42
CA SER A 60 9.39 0.96 -32.51
C SER A 60 8.26 0.12 -33.11
N LYS A 61 8.40 -1.22 -33.11
CA LYS A 61 7.38 -2.15 -33.64
C LYS A 61 7.40 -3.47 -32.85
N GLY A 62 6.23 -4.02 -32.55
CA GLY A 62 6.10 -5.26 -31.81
C GLY A 62 6.06 -5.09 -30.31
N THR A 63 6.13 -6.23 -29.58
CA THR A 63 6.13 -6.29 -28.11
C THR A 63 7.13 -7.32 -27.59
N VAL A 64 7.63 -7.08 -26.36
CA VAL A 64 8.61 -7.94 -25.67
C VAL A 64 8.03 -8.31 -24.33
N ASN A 65 8.49 -9.43 -23.75
CA ASN A 65 8.05 -9.97 -22.45
C ASN A 65 9.22 -9.96 -21.46
N VAL A 66 9.20 -9.05 -20.46
CA VAL A 66 10.29 -8.91 -19.48
C VAL A 66 10.14 -9.99 -18.37
N THR A 67 11.18 -10.84 -18.19
CA THR A 67 11.16 -11.91 -17.18
C THR A 67 12.42 -11.85 -16.31
N ARG A 68 12.47 -12.62 -15.21
CA ARG A 68 13.59 -12.62 -14.25
C ARG A 68 13.51 -13.82 -13.32
N GLU A 69 14.61 -14.59 -13.20
CA GLU A 69 14.69 -15.70 -12.24
C GLU A 69 15.43 -15.20 -10.95
N ASP A 70 14.79 -15.34 -9.75
CA ASP A 70 15.37 -14.88 -8.49
C ASP A 70 16.45 -15.82 -7.90
N SER A 71 16.63 -17.03 -8.46
CA SER A 71 17.65 -17.97 -8.02
C SER A 71 17.88 -19.03 -9.11
N PRO A 72 19.06 -19.71 -9.16
CA PRO A 72 19.28 -20.73 -10.21
C PRO A 72 18.23 -21.86 -10.22
N SER A 73 17.92 -22.40 -9.02
CA SER A 73 16.94 -23.49 -8.83
C SER A 73 15.61 -22.90 -8.34
N GLU A 74 14.96 -22.14 -9.24
CA GLU A 74 13.69 -21.46 -9.06
C GLU A 74 13.20 -21.03 -10.44
N ASP A 75 11.92 -21.29 -10.79
CA ASP A 75 11.41 -20.93 -12.12
C ASP A 75 11.49 -19.40 -12.40
N PRO A 76 11.56 -18.99 -13.68
CA PRO A 76 11.61 -17.54 -13.96
C PRO A 76 10.25 -16.90 -13.79
N VAL A 77 10.23 -15.71 -13.19
CA VAL A 77 9.04 -14.93 -12.92
C VAL A 77 8.78 -14.02 -14.10
N PHE A 78 7.51 -13.77 -14.42
CA PHE A 78 7.10 -12.85 -15.47
C PHE A 78 6.91 -11.47 -14.78
N LEU A 79 7.43 -10.38 -15.37
CA LEU A 79 7.32 -9.04 -14.77
C LEU A 79 6.34 -8.11 -15.54
N ARG A 80 6.52 -7.97 -16.86
CA ARG A 80 5.62 -7.13 -17.65
C ARG A 80 5.72 -7.42 -19.14
N THR A 81 4.86 -6.77 -19.93
CA THR A 81 4.85 -6.84 -21.40
C THR A 81 4.97 -5.39 -21.87
N LEU A 82 6.10 -5.02 -22.54
CA LEU A 82 6.35 -3.68 -23.07
C LEU A 82 6.02 -3.69 -24.57
N GLY A 83 5.71 -2.52 -25.13
CA GLY A 83 5.39 -2.35 -26.56
C GLY A 83 5.92 -1.07 -27.17
N LYS A 84 5.28 -0.59 -28.27
CA LYS A 84 5.68 0.63 -29.00
C LYS A 84 5.76 1.84 -28.07
N GLY A 85 6.91 2.51 -28.08
CA GLY A 85 7.14 3.67 -27.22
C GLY A 85 7.79 3.37 -25.89
N ASP A 86 7.77 2.10 -25.43
CA ASP A 86 8.39 1.73 -24.17
C ASP A 86 9.88 1.50 -24.42
N TRP A 87 10.65 1.32 -23.36
CA TRP A 87 12.08 1.10 -23.47
C TRP A 87 12.61 0.23 -22.36
N PHE A 88 13.88 -0.15 -22.45
CA PHE A 88 14.55 -0.98 -21.44
C PHE A 88 16.07 -0.93 -21.65
N GLY A 89 16.80 -1.43 -20.65
CA GLY A 89 18.26 -1.52 -20.68
C GLY A 89 19.05 -0.30 -20.26
N GLU A 90 18.37 0.82 -19.95
CA GLU A 90 18.94 2.13 -19.60
C GLU A 90 20.05 2.14 -18.53
N LYS A 91 20.16 1.12 -17.66
CA LYS A 91 21.27 1.11 -16.68
C LYS A 91 22.63 0.94 -17.42
N ALA A 92 22.62 0.18 -18.56
CA ALA A 92 23.76 -0.09 -19.45
C ALA A 92 24.51 1.19 -19.88
N LEU A 93 23.77 2.31 -20.02
CA LEU A 93 24.28 3.63 -20.44
C LEU A 93 25.13 4.34 -19.36
N GLN A 94 24.89 4.05 -18.06
N GLN A 94 24.89 4.04 -18.06
CA GLN A 94 25.67 4.64 -16.96
CA GLN A 94 25.64 4.63 -16.96
C GLN A 94 27.00 3.91 -16.78
C GLN A 94 26.98 3.90 -16.74
N GLY A 95 26.99 2.60 -17.01
CA GLY A 95 28.18 1.75 -16.86
C GLY A 95 27.87 0.32 -16.45
N GLU A 96 26.78 0.13 -15.64
CA GLU A 96 26.32 -1.18 -15.13
C GLU A 96 26.09 -2.19 -16.27
N ASP A 97 27.13 -3.02 -16.51
CA ASP A 97 27.08 -4.02 -17.57
C ASP A 97 26.06 -5.12 -17.30
N VAL A 98 26.20 -5.85 -16.16
CA VAL A 98 25.34 -7.00 -15.84
C VAL A 98 23.84 -6.71 -15.97
N ARG A 99 23.14 -7.59 -16.71
CA ARG A 99 21.71 -7.49 -16.96
C ARG A 99 20.94 -8.26 -15.87
N THR A 100 19.91 -7.61 -15.27
CA THR A 100 19.11 -8.16 -14.15
C THR A 100 17.75 -8.79 -14.55
N ALA A 101 17.43 -8.86 -15.86
CA ALA A 101 16.16 -9.42 -16.33
C ALA A 101 16.28 -9.83 -17.82
N ASN A 102 15.52 -10.86 -18.26
CA ASN A 102 15.50 -11.33 -19.66
C ASN A 102 14.45 -10.55 -20.48
N VAL A 103 14.79 -10.11 -21.71
CA VAL A 103 13.82 -9.45 -22.60
C VAL A 103 13.65 -10.33 -23.84
N ILE A 104 12.48 -10.96 -23.97
CA ILE A 104 12.19 -11.88 -25.07
C ILE A 104 11.18 -11.23 -25.99
N ALA A 105 11.34 -11.39 -27.30
CA ALA A 105 10.38 -10.84 -28.26
C ALA A 105 9.09 -11.68 -28.23
N ALA A 106 7.93 -11.03 -28.21
CA ALA A 106 6.62 -11.72 -28.21
C ALA A 106 6.09 -11.94 -29.66
N GLU A 107 6.60 -11.19 -30.63
CA GLU A 107 6.22 -11.29 -32.04
C GLU A 107 7.43 -10.75 -32.83
N ALA A 108 7.23 -10.25 -34.06
CA ALA A 108 8.34 -9.63 -34.80
C ALA A 108 8.53 -8.25 -34.14
N VAL A 109 9.72 -8.00 -33.58
CA VAL A 109 10.04 -6.76 -32.87
C VAL A 109 11.15 -5.99 -33.57
N THR A 110 11.05 -4.66 -33.54
CA THR A 110 12.05 -3.75 -34.06
C THR A 110 12.33 -2.73 -32.98
N CYS A 111 13.63 -2.52 -32.67
CA CYS A 111 14.09 -1.57 -31.67
C CYS A 111 15.01 -0.54 -32.30
N LEU A 112 14.98 0.71 -31.75
CA LEU A 112 15.92 1.78 -32.11
C LEU A 112 16.94 1.69 -30.99
N VAL A 113 18.22 1.50 -31.33
CA VAL A 113 19.22 1.28 -30.28
C VAL A 113 20.32 2.32 -30.27
N ILE A 114 20.94 2.47 -29.09
CA ILE A 114 22.04 3.40 -28.88
C ILE A 114 22.93 2.81 -27.79
N ASP A 115 24.24 2.73 -28.03
CA ASP A 115 25.20 2.21 -27.07
C ASP A 115 25.64 3.33 -26.13
N ARG A 116 26.28 2.94 -25.02
CA ARG A 116 26.78 3.84 -23.97
C ARG A 116 27.74 4.85 -24.55
N ASP A 117 28.66 4.42 -25.41
CA ASP A 117 29.63 5.33 -26.03
C ASP A 117 28.97 6.41 -26.90
N SER A 118 28.02 6.00 -27.73
CA SER A 118 27.29 6.91 -28.61
C SER A 118 26.38 7.82 -27.79
N PHE A 119 25.73 7.27 -26.72
CA PHE A 119 24.89 8.07 -25.82
C PHE A 119 25.75 9.11 -25.09
N LYS A 120 26.95 8.68 -24.60
CA LYS A 120 27.86 9.55 -23.85
C LYS A 120 28.44 10.69 -24.69
N HIS A 121 28.45 10.55 -26.03
CA HIS A 121 29.02 11.56 -26.94
C HIS A 121 27.99 12.53 -27.50
N LEU A 122 26.72 12.09 -27.55
CA LEU A 122 25.58 12.94 -27.92
C LEU A 122 25.41 13.86 -26.69
N ILE A 123 25.60 13.26 -25.51
CA ILE A 123 25.61 13.97 -24.24
C ILE A 123 26.87 14.86 -24.27
N GLY A 124 26.60 16.15 -24.43
CA GLY A 124 27.57 17.20 -24.68
C GLY A 124 27.09 18.13 -25.78
N GLY A 125 25.84 18.57 -25.68
CA GLY A 125 25.21 19.49 -26.62
C GLY A 125 25.36 20.88 -26.07
N LEU A 126 24.48 21.81 -26.49
CA LEU A 126 24.56 23.20 -26.03
C LEU A 126 24.45 23.34 -24.49
N ASP A 127 25.43 24.06 -23.89
CA ASP A 127 25.66 24.28 -22.45
C ASP A 127 24.42 24.49 -21.57
N ASP A 128 23.56 25.46 -21.95
CA ASP A 128 22.33 25.77 -21.21
C ASP A 128 21.10 25.90 -22.14
N VAL A 129 21.20 25.40 -23.39
CA VAL A 129 20.11 25.43 -24.35
C VAL A 129 19.59 23.98 -24.37
N SER A 130 20.42 23.03 -24.85
CA SER A 130 20.08 21.61 -24.98
C SER A 130 20.19 20.93 -23.63
N ASN A 131 21.22 21.29 -22.85
CA ASN A 131 21.45 20.70 -21.53
C ASN A 131 20.44 21.21 -20.47
N LYS A 132 19.68 22.29 -20.76
CA LYS A 132 18.69 22.82 -19.81
C LYS A 132 17.51 21.87 -19.62
N ALA A 133 16.71 21.66 -20.67
CA ALA A 133 15.51 20.81 -20.64
C ALA A 133 15.79 19.32 -20.45
N TYR A 134 17.02 18.85 -20.73
CA TYR A 134 17.39 17.45 -20.54
C TYR A 134 17.44 17.11 -19.05
N GLU A 135 18.21 17.90 -18.27
CA GLU A 135 18.39 17.70 -16.83
C GLU A 135 17.07 17.89 -16.07
N ASP A 136 16.22 18.81 -16.54
CA ASP A 136 14.90 19.03 -15.96
C ASP A 136 13.98 17.85 -16.27
N ALA A 137 14.09 17.25 -17.50
CA ALA A 137 13.29 16.10 -17.90
C ALA A 137 13.67 14.83 -17.09
N GLU A 138 14.96 14.69 -16.71
CA GLU A 138 15.48 13.55 -15.93
C GLU A 138 15.15 13.74 -14.45
N ALA A 139 15.07 15.02 -13.99
CA ALA A 139 14.60 15.34 -12.63
C ALA A 139 13.09 15.00 -12.53
N LYS A 140 12.28 15.55 -13.47
CA LYS A 140 10.83 15.27 -13.52
C LYS A 140 10.54 13.76 -13.58
N ALA A 141 11.36 13.00 -14.32
CA ALA A 141 11.22 11.53 -14.45
C ALA A 141 11.48 10.76 -13.16
N LYS A 142 12.46 11.20 -12.36
CA LYS A 142 12.88 10.55 -11.09
C LYS A 142 11.75 10.44 -10.01
N TYR A 143 10.77 11.36 -10.02
CA TYR A 143 9.73 11.38 -9.01
C TYR A 143 8.66 10.29 -9.20
N GLU A 144 8.34 9.90 -10.46
CA GLU A 144 7.44 8.78 -10.72
C GLU A 144 8.13 7.46 -10.29
N ALA A 145 9.47 7.39 -10.45
CA ALA A 145 10.28 6.25 -10.05
C ALA A 145 10.39 6.16 -8.50
N GLU A 146 10.41 7.34 -7.82
CA GLU A 146 10.44 7.43 -6.34
C GLU A 146 9.09 6.89 -5.79
N ALA A 147 7.94 7.28 -6.41
CA ALA A 147 6.59 6.79 -6.06
C ALA A 147 6.53 5.27 -6.18
N ALA A 148 7.04 4.72 -7.29
CA ALA A 148 7.12 3.27 -7.54
C ALA A 148 7.91 2.50 -6.46
N PHE A 149 9.05 3.07 -6.00
CA PHE A 149 9.88 2.48 -4.96
C PHE A 149 9.09 2.33 -3.67
N PHE A 150 8.52 3.44 -3.21
CA PHE A 150 7.72 3.45 -1.99
C PHE A 150 6.41 2.68 -2.16
N ALA A 151 5.83 2.65 -3.38
CA ALA A 151 4.58 1.93 -3.64
C ALA A 151 4.63 0.42 -3.37
N ASN A 152 5.82 -0.19 -3.51
CA ASN A 152 6.09 -1.62 -3.28
C ASN A 152 6.21 -1.97 -1.78
N LEU A 153 6.63 -1.00 -0.93
CA LEU A 153 6.79 -1.22 0.52
C LEU A 153 5.43 -1.35 1.28
N LYS A 154 5.51 -1.79 2.56
CA LYS A 154 4.37 -1.97 3.46
C LYS A 154 4.77 -1.52 4.85
N LEU A 155 3.80 -1.24 5.73
CA LEU A 155 4.14 -0.79 7.09
C LEU A 155 5.05 -1.82 7.75
N SER A 156 4.79 -3.11 7.49
CA SER A 156 5.60 -4.24 7.94
C SER A 156 7.09 -4.20 7.48
N ASP A 157 7.50 -3.29 6.53
CA ASP A 157 8.90 -3.14 6.12
C ASP A 157 9.61 -2.08 6.99
N PHE A 158 9.05 -1.68 8.15
CA PHE A 158 9.63 -0.64 8.99
C PHE A 158 9.69 -1.02 10.47
N ASN A 159 10.59 -0.35 11.21
CA ASN A 159 10.81 -0.54 12.67
C ASN A 159 10.77 0.82 13.35
N ILE A 160 10.10 0.92 14.50
CA ILE A 160 10.08 2.16 15.28
C ILE A 160 11.37 2.28 16.08
N ILE A 161 12.04 3.41 15.92
CA ILE A 161 13.28 3.73 16.61
C ILE A 161 12.92 4.44 17.91
N ASP A 162 12.22 5.58 17.81
CA ASP A 162 11.84 6.45 18.93
C ASP A 162 10.74 7.44 18.51
N THR A 163 10.06 8.07 19.48
CA THR A 163 8.99 9.04 19.22
C THR A 163 9.58 10.43 19.08
N LEU A 164 9.07 11.19 18.11
CA LEU A 164 9.51 12.55 17.84
C LEU A 164 8.47 13.58 18.37
N GLY A 165 7.20 13.18 18.43
CA GLY A 165 6.14 14.06 18.89
C GLY A 165 4.86 13.31 19.22
N VAL A 166 4.04 13.88 20.12
CA VAL A 166 2.76 13.32 20.57
C VAL A 166 1.75 14.48 20.77
N GLY A 167 0.48 14.19 20.48
CA GLY A 167 -0.62 15.12 20.66
C GLY A 167 -1.96 14.39 20.62
N GLY A 168 -3.05 15.15 20.62
CA GLY A 168 -4.39 14.59 20.48
C GLY A 168 -4.60 13.95 19.11
N PHE A 169 -3.88 14.48 18.08
CA PHE A 169 -3.86 13.99 16.71
C PHE A 169 -3.44 12.50 16.56
N GLY A 170 -2.46 12.12 17.36
CA GLY A 170 -1.80 10.83 17.36
C GLY A 170 -0.35 11.04 17.75
N ARG A 171 0.60 10.63 16.89
CA ARG A 171 2.02 10.83 17.19
C ARG A 171 2.93 10.70 15.96
N VAL A 172 4.17 11.23 16.06
CA VAL A 172 5.17 11.12 15.00
C VAL A 172 6.27 10.20 15.53
N GLU A 173 6.45 9.04 14.87
CA GLU A 173 7.45 8.03 15.23
C GLU A 173 8.62 8.10 14.25
N LEU A 174 9.83 7.88 14.75
CA LEU A 174 11.01 7.82 13.88
C LEU A 174 11.05 6.32 13.47
N VAL A 175 10.92 6.04 12.16
CA VAL A 175 10.93 4.67 11.65
C VAL A 175 12.23 4.43 10.87
N GLN A 176 12.64 3.16 10.84
CA GLN A 176 13.83 2.69 10.12
C GLN A 176 13.35 1.66 9.13
N LEU A 177 13.81 1.77 7.88
CA LEU A 177 13.45 0.84 6.81
C LEU A 177 14.19 -0.45 7.11
N LYS A 178 13.49 -1.57 7.07
CA LYS A 178 14.10 -2.87 7.36
C LYS A 178 15.24 -3.26 6.40
N SER A 179 15.03 -3.05 5.08
CA SER A 179 16.03 -3.33 4.05
C SER A 179 17.28 -2.41 4.11
N GLU A 180 17.19 -1.19 4.75
CA GLU A 180 18.31 -0.24 4.82
C GLU A 180 18.37 0.54 6.15
N GLU A 181 19.28 0.16 7.06
CA GLU A 181 19.40 0.77 8.39
C GLU A 181 19.87 2.27 8.41
N SER A 182 20.42 2.79 7.30
CA SER A 182 20.85 4.20 7.14
C SER A 182 19.66 5.15 6.80
N LYS A 183 18.60 4.57 6.16
CA LYS A 183 17.38 5.27 5.75
C LYS A 183 16.39 5.38 6.94
N THR A 184 16.21 6.62 7.49
CA THR A 184 15.21 6.87 8.53
C THR A 184 14.19 7.93 8.05
N PHE A 185 12.94 7.73 8.49
CA PHE A 185 11.80 8.58 8.14
C PHE A 185 11.01 8.91 9.38
N ALA A 186 10.25 10.01 9.29
CA ALA A 186 9.28 10.42 10.32
C ALA A 186 7.92 9.84 9.86
N MET A 187 7.39 8.90 10.65
CA MET A 187 6.09 8.30 10.41
C MET A 187 5.03 9.02 11.29
N LYS A 188 4.24 9.92 10.69
CA LYS A 188 3.16 10.59 11.41
C LYS A 188 1.93 9.64 11.38
N ILE A 189 1.55 9.12 12.56
CA ILE A 189 0.41 8.24 12.74
C ILE A 189 -0.75 9.09 13.31
N LEU A 190 -1.93 9.07 12.64
CA LEU A 190 -3.08 9.90 12.99
C LEU A 190 -4.29 9.05 13.32
N LYS A 191 -4.99 9.38 14.42
CA LYS A 191 -6.22 8.70 14.80
C LYS A 191 -7.31 9.21 13.83
N LYS A 192 -7.97 8.32 13.10
CA LYS A 192 -9.03 8.69 12.15
C LYS A 192 -10.24 9.30 12.84
N ARG A 193 -10.66 8.76 14.03
CA ARG A 193 -11.81 9.34 14.74
C ARG A 193 -11.49 10.77 15.16
N HIS A 194 -10.21 11.12 15.51
CA HIS A 194 -9.87 12.50 15.84
C HIS A 194 -10.03 13.39 14.59
N ILE A 195 -9.66 12.89 13.40
CA ILE A 195 -9.87 13.63 12.15
C ILE A 195 -11.39 13.86 11.89
N VAL A 196 -12.21 12.84 12.18
CA VAL A 196 -13.65 12.88 11.96
C VAL A 196 -14.32 13.79 12.99
N ASP A 197 -13.87 13.72 14.26
CA ASP A 197 -14.42 14.54 15.35
C ASP A 197 -14.15 16.01 15.14
N THR A 198 -13.00 16.34 14.51
CA THR A 198 -12.61 17.72 14.20
C THR A 198 -13.07 18.17 12.78
N ARG A 199 -13.66 17.27 11.97
CA ARG A 199 -14.14 17.57 10.61
C ARG A 199 -12.98 17.99 9.67
N GLN A 200 -11.86 17.24 9.76
CA GLN A 200 -10.60 17.48 9.04
C GLN A 200 -10.40 16.45 7.89
N GLN A 201 -11.50 15.83 7.38
CA GLN A 201 -11.38 14.83 6.32
C GLN A 201 -10.77 15.45 5.08
N GLU A 202 -11.29 16.60 4.63
CA GLU A 202 -10.74 17.24 3.42
C GLU A 202 -9.44 17.98 3.69
N HIS A 203 -9.28 18.54 4.89
CA HIS A 203 -8.05 19.21 5.30
C HIS A 203 -6.88 18.26 5.17
N ILE A 204 -7.05 16.98 5.56
CA ILE A 204 -6.02 15.95 5.46
C ILE A 204 -5.95 15.38 4.04
N ARG A 205 -7.10 15.26 3.32
CA ARG A 205 -7.09 14.78 1.92
C ARG A 205 -6.23 15.72 1.02
N SER A 206 -6.34 17.05 1.26
CA SER A 206 -5.56 18.09 0.58
C SER A 206 -4.08 18.07 1.03
N GLU A 207 -3.81 17.80 2.36
CA GLU A 207 -2.46 17.69 2.92
C GLU A 207 -1.68 16.62 2.18
N LYS A 208 -2.30 15.44 1.94
CA LYS A 208 -1.66 14.36 1.18
C LYS A 208 -1.35 14.82 -0.27
N GLN A 209 -2.32 15.43 -0.95
CA GLN A 209 -2.15 15.87 -2.35
C GLN A 209 -1.02 16.89 -2.50
N ILE A 210 -1.00 17.92 -1.63
CA ILE A 210 0.04 18.97 -1.64
C ILE A 210 1.40 18.45 -1.19
N MET A 211 1.53 17.83 0.00
CA MET A 211 2.87 17.40 0.46
C MET A 211 3.55 16.32 -0.41
N GLN A 212 2.79 15.51 -1.17
CA GLN A 212 3.38 14.54 -2.09
C GLN A 212 3.79 15.26 -3.37
N GLY A 213 2.98 16.22 -3.82
CA GLY A 213 3.28 17.02 -5.01
C GLY A 213 4.42 18.00 -4.89
N ALA A 214 4.74 18.46 -3.65
CA ALA A 214 5.80 19.44 -3.38
C ALA A 214 7.24 18.86 -3.38
N HIS A 215 8.23 19.64 -3.91
CA HIS A 215 9.65 19.28 -4.01
C HIS A 215 10.50 20.49 -3.70
N SER A 216 10.41 20.98 -2.46
CA SER A 216 11.18 22.13 -2.03
C SER A 216 12.13 21.63 -0.97
N ASP A 217 13.38 22.15 -0.88
CA ASP A 217 14.33 21.84 0.20
C ASP A 217 13.95 22.62 1.47
N PHE A 218 12.92 23.51 1.39
CA PHE A 218 12.34 24.24 2.52
C PHE A 218 10.96 23.68 2.91
N ILE A 219 10.66 22.43 2.51
CA ILE A 219 9.43 21.75 2.88
C ILE A 219 9.77 20.28 3.11
N VAL A 220 9.27 19.68 4.22
CA VAL A 220 9.48 18.26 4.54
C VAL A 220 8.83 17.38 3.42
N ARG A 221 9.58 16.41 2.83
CA ARG A 221 9.02 15.54 1.79
C ARG A 221 8.03 14.54 2.36
N LEU A 222 6.98 14.18 1.59
CA LEU A 222 5.99 13.15 1.96
C LEU A 222 6.11 12.14 0.83
N TYR A 223 6.63 10.96 1.16
CA TYR A 223 6.89 9.90 0.18
C TYR A 223 5.64 9.14 -0.19
N ARG A 224 4.88 8.70 0.82
CA ARG A 224 3.61 8.02 0.60
C ARG A 224 2.84 7.97 1.87
N THR A 225 1.64 7.41 1.81
CA THR A 225 0.80 7.19 2.98
C THR A 225 0.32 5.74 3.00
N PHE A 226 -0.12 5.28 4.20
CA PHE A 226 -0.74 3.97 4.38
C PHE A 226 -2.01 4.17 5.21
N LYS A 227 -2.82 3.13 5.29
CA LYS A 227 -4.06 3.19 6.06
C LYS A 227 -4.48 1.78 6.57
N ASP A 228 -5.16 1.77 7.71
CA ASP A 228 -5.82 0.60 8.29
C ASP A 228 -7.13 1.16 8.86
N SER A 229 -7.94 0.33 9.48
CA SER A 229 -9.24 0.75 10.01
C SER A 229 -9.16 1.82 11.14
N LYS A 230 -8.02 1.94 11.86
CA LYS A 230 -7.87 2.91 12.94
C LYS A 230 -7.06 4.13 12.57
N TYR A 231 -5.86 3.97 12.02
CA TYR A 231 -4.99 5.12 11.74
C TYR A 231 -4.60 5.36 10.29
N LEU A 232 -4.19 6.61 10.02
CA LEU A 232 -3.59 7.05 8.76
C LEU A 232 -2.08 7.22 9.04
N TYR A 233 -1.24 6.69 8.16
CA TYR A 233 0.21 6.68 8.33
C TYR A 233 0.78 7.51 7.25
N MET A 234 1.72 8.41 7.57
CA MET A 234 2.30 9.34 6.60
C MET A 234 3.83 9.27 6.64
N LEU A 235 4.45 8.75 5.56
CA LEU A 235 5.89 8.57 5.52
C LEU A 235 6.61 9.81 4.95
N MET A 236 7.25 10.59 5.84
CA MET A 236 7.97 11.81 5.51
C MET A 236 9.42 11.66 5.80
N GLU A 237 10.23 12.67 5.37
CA GLU A 237 11.66 12.69 5.66
C GLU A 237 11.93 13.07 7.11
N ALA A 238 13.00 12.47 7.66
CA ALA A 238 13.42 12.71 9.04
C ALA A 238 14.29 13.96 9.08
N CYS A 239 13.83 14.96 9.83
CA CYS A 239 14.54 16.20 10.05
C CYS A 239 14.97 16.14 11.51
N LEU A 240 16.14 15.52 11.75
CA LEU A 240 16.67 15.22 13.08
C LEU A 240 17.29 16.43 13.83
N GLY A 241 17.12 17.64 13.33
CA GLY A 241 17.68 18.83 13.96
C GLY A 241 16.91 19.32 15.16
N GLY A 242 15.61 19.05 15.18
CA GLY A 242 14.74 19.43 16.27
C GLY A 242 13.67 20.45 15.94
N GLU A 243 12.61 20.45 16.76
CA GLU A 243 11.47 21.36 16.63
C GLU A 243 11.90 22.82 16.88
N LEU A 244 11.50 23.74 15.99
CA LEU A 244 11.89 25.14 16.16
C LEU A 244 11.26 25.72 17.43
N TRP A 245 10.00 25.35 17.72
CA TRP A 245 9.32 25.83 18.93
C TRP A 245 10.04 25.41 20.26
N THR A 246 10.78 24.25 20.27
CA THR A 246 11.54 23.82 21.47
C THR A 246 12.85 24.57 21.57
N ILE A 247 13.54 24.83 20.43
CA ILE A 247 14.81 25.58 20.42
C ILE A 247 14.49 27.00 20.87
N LEU A 248 13.41 27.61 20.28
CA LEU A 248 12.93 28.93 20.68
C LEU A 248 12.57 28.93 22.19
N ARG A 249 11.89 27.89 22.70
CA ARG A 249 11.54 27.77 24.14
C ARG A 249 12.80 27.71 25.04
N ASP A 250 13.75 26.82 24.69
CA ASP A 250 15.00 26.62 25.43
C ASP A 250 15.87 27.88 25.39
N ARG A 251 15.87 28.62 24.24
CA ARG A 251 16.65 29.84 24.07
C ARG A 251 15.93 31.15 24.45
N GLY A 252 14.60 31.15 24.51
CA GLY A 252 13.80 32.32 24.87
C GLY A 252 13.38 33.15 23.66
N SER A 253 14.38 33.70 22.98
CA SER A 253 14.19 34.44 21.74
C SER A 253 15.41 34.20 20.85
N PHE A 254 15.37 34.72 19.61
CA PHE A 254 16.47 34.57 18.66
C PHE A 254 17.02 35.92 18.23
N GLU A 255 18.30 35.92 17.86
CA GLU A 255 19.01 37.10 17.38
C GLU A 255 18.58 37.47 15.96
N ASP A 256 18.82 38.73 15.59
CA ASP A 256 18.47 39.27 14.28
C ASP A 256 18.98 38.35 13.16
N SER A 257 20.27 37.98 13.22
CA SER A 257 20.91 37.10 12.22
C SER A 257 20.32 35.69 12.23
N THR A 258 20.02 35.15 13.43
CA THR A 258 19.42 33.81 13.59
C THR A 258 18.02 33.79 12.98
N THR A 259 17.16 34.76 13.40
CA THR A 259 15.79 34.93 12.88
C THR A 259 15.78 35.10 11.36
N ARG A 260 16.75 35.87 10.80
CA ARG A 260 16.92 36.10 9.36
C ARG A 260 17.02 34.79 8.59
N PHE A 261 17.90 33.88 9.06
CA PHE A 261 18.10 32.59 8.38
C PHE A 261 16.77 31.80 8.32
N TYR A 262 16.06 31.71 9.47
CA TYR A 262 14.79 30.99 9.52
C TYR A 262 13.73 31.69 8.70
N THR A 263 13.62 33.04 8.83
CA THR A 263 12.65 33.80 8.03
C THR A 263 12.91 33.60 6.54
N ALA A 264 14.19 33.52 6.13
CA ALA A 264 14.59 33.32 4.75
C ALA A 264 14.20 31.94 4.25
N CYS A 265 14.28 30.92 5.13
CA CYS A 265 13.90 29.55 4.78
C CYS A 265 12.40 29.51 4.47
N VAL A 266 11.60 30.28 5.21
CA VAL A 266 10.15 30.38 4.99
C VAL A 266 9.88 31.11 3.67
N VAL A 267 10.62 32.19 3.40
CA VAL A 267 10.47 32.98 2.18
C VAL A 267 10.61 32.10 0.94
N GLU A 268 11.63 31.24 0.92
CA GLU A 268 11.83 30.28 -0.18
C GLU A 268 10.70 29.26 -0.24
N ALA A 269 10.30 28.69 0.92
CA ALA A 269 9.18 27.74 0.98
C ALA A 269 7.91 28.41 0.38
N PHE A 270 7.58 29.62 0.86
CA PHE A 270 6.43 30.39 0.39
C PHE A 270 6.54 30.66 -1.08
N ALA A 271 7.71 31.17 -1.53
CA ALA A 271 7.95 31.46 -2.96
C ALA A 271 7.63 30.22 -3.82
N TYR A 272 7.97 29.00 -3.35
CA TYR A 272 7.65 27.76 -4.07
C TYR A 272 6.14 27.48 -4.08
N LEU A 273 5.53 27.55 -2.89
CA LEU A 273 4.11 27.27 -2.77
C LEU A 273 3.29 28.26 -3.53
N HIS A 274 3.61 29.56 -3.37
CA HIS A 274 2.88 30.63 -4.04
C HIS A 274 3.01 30.54 -5.57
N SER A 275 4.12 29.97 -6.09
CA SER A 275 4.29 29.78 -7.53
C SER A 275 3.35 28.69 -8.11
N LYS A 276 2.76 27.86 -7.24
CA LYS A 276 1.82 26.80 -7.57
C LYS A 276 0.36 27.16 -7.17
N GLY A 277 0.15 28.36 -6.63
CA GLY A 277 -1.16 28.80 -6.18
C GLY A 277 -1.60 28.18 -4.86
N ILE A 278 -0.66 27.81 -3.99
CA ILE A 278 -0.99 27.20 -2.71
C ILE A 278 -0.81 28.20 -1.56
N ILE A 279 -1.82 28.34 -0.69
CA ILE A 279 -1.76 29.19 0.52
C ILE A 279 -1.38 28.20 1.62
N TYR A 280 -0.45 28.56 2.52
CA TYR A 280 -0.05 27.71 3.63
C TYR A 280 -1.05 27.84 4.80
N ARG A 281 -1.20 29.08 5.32
CA ARG A 281 -2.10 29.48 6.43
C ARG A 281 -1.77 28.97 7.82
N ASP A 282 -0.81 28.03 8.00
CA ASP A 282 -0.51 27.50 9.33
C ASP A 282 0.85 27.94 9.92
N LEU A 283 1.47 29.02 9.42
CA LEU A 283 2.80 29.43 9.92
C LEU A 283 2.78 29.87 11.39
N LYS A 284 3.72 29.30 12.15
CA LYS A 284 4.01 29.55 13.57
C LYS A 284 5.23 28.68 13.90
N PRO A 285 6.03 29.00 14.95
CA PRO A 285 7.21 28.17 15.26
C PRO A 285 6.98 26.65 15.27
N GLU A 286 5.77 26.23 15.69
CA GLU A 286 5.41 24.80 15.75
C GLU A 286 5.44 24.13 14.36
N ASN A 287 5.22 24.91 13.29
CA ASN A 287 5.22 24.41 11.92
C ASN A 287 6.61 24.35 11.27
N LEU A 288 7.70 24.61 12.04
CA LEU A 288 9.06 24.59 11.54
C LEU A 288 9.90 23.57 12.29
N ILE A 289 10.73 22.82 11.54
CA ILE A 289 11.62 21.76 12.06
C ILE A 289 13.01 21.91 11.43
N LEU A 290 14.10 21.85 12.21
CA LEU A 290 15.43 21.93 11.61
C LEU A 290 15.87 20.54 11.19
N ASP A 291 16.80 20.46 10.23
CA ASP A 291 17.38 19.19 9.81
C ASP A 291 18.74 19.04 10.48
N HIS A 292 19.45 17.92 10.24
CA HIS A 292 20.79 17.68 10.82
C HIS A 292 21.83 18.78 10.49
N ARG A 293 21.63 19.57 9.41
CA ARG A 293 22.50 20.69 9.04
C ARG A 293 22.10 22.00 9.78
N GLY A 294 20.85 22.08 10.25
CA GLY A 294 20.31 23.28 10.90
C GLY A 294 19.48 24.11 9.96
N TYR A 295 19.13 23.53 8.78
CA TYR A 295 18.28 24.17 7.78
C TYR A 295 16.82 23.86 8.10
N ALA A 296 15.97 24.89 8.11
CA ALA A 296 14.55 24.80 8.45
C ALA A 296 13.62 24.41 7.28
N LYS A 297 12.54 23.64 7.56
CA LYS A 297 11.53 23.20 6.61
C LYS A 297 10.09 23.33 7.23
N LEU A 298 9.04 23.58 6.41
CA LEU A 298 7.66 23.60 6.89
C LEU A 298 7.30 22.15 7.00
N VAL A 299 6.44 21.78 7.97
CA VAL A 299 6.10 20.38 8.19
C VAL A 299 4.61 20.11 8.01
N ASP A 300 3.67 20.87 8.64
CA ASP A 300 2.23 20.57 8.53
C ASP A 300 1.51 21.33 7.44
N PHE A 301 0.82 20.60 6.53
CA PHE A 301 0.00 21.16 5.45
C PHE A 301 -1.49 20.80 5.65
N GLY A 302 -1.93 20.82 6.92
CA GLY A 302 -3.31 20.54 7.26
C GLY A 302 -4.26 21.62 6.81
N PHE A 303 -3.87 22.90 7.04
CA PHE A 303 -4.66 24.06 6.65
C PHE A 303 -4.32 24.61 5.27
N ALA A 304 -3.30 24.08 4.57
CA ALA A 304 -2.97 24.60 3.24
C ALA A 304 -4.07 24.27 2.22
N LYS A 305 -4.22 25.16 1.20
CA LYS A 305 -5.22 25.00 0.16
C LYS A 305 -4.76 25.50 -1.20
N LYS A 306 -4.96 24.65 -2.24
CA LYS A 306 -4.69 25.02 -3.63
C LYS A 306 -5.86 25.91 -4.06
N ILE A 307 -5.52 27.06 -4.61
CA ILE A 307 -6.50 28.07 -5.02
C ILE A 307 -6.08 28.68 -6.40
N GLY A 308 -7.05 28.77 -7.31
CA GLY A 308 -6.83 29.34 -8.62
C GLY A 308 -6.33 30.78 -8.59
N PHE A 309 -5.54 31.17 -9.61
CA PHE A 309 -5.03 32.54 -9.69
C PHE A 309 -6.21 33.52 -9.85
N GLY A 310 -6.23 34.55 -9.02
CA GLY A 310 -7.29 35.56 -9.03
C GLY A 310 -8.57 35.26 -8.27
N LYS A 311 -8.57 34.19 -7.46
CA LYS A 311 -9.73 33.74 -6.70
C LYS A 311 -9.38 33.75 -5.20
N LYS A 312 -10.40 33.72 -4.32
CA LYS A 312 -10.18 33.75 -2.87
C LYS A 312 -10.83 32.53 -2.22
N THR A 313 -10.43 32.24 -0.97
CA THR A 313 -11.00 31.16 -0.16
C THR A 313 -11.56 31.82 1.09
N TRP A 314 -12.47 31.14 1.81
CA TRP A 314 -13.19 31.79 2.92
C TRP A 314 -13.24 31.00 4.25
N PHE A 316 -12.47 29.84 7.95
CA PHE A 316 -11.95 30.49 9.16
C PHE A 316 -11.25 29.41 9.94
N CYS A 317 -9.93 29.41 9.92
CA CYS A 317 -9.14 28.43 10.65
C CYS A 317 -7.79 29.01 11.04
N GLY A 318 -7.03 28.27 11.84
CA GLY A 318 -5.73 28.68 12.34
C GLY A 318 -5.73 29.20 13.75
N THR A 319 -4.54 29.12 14.42
CA THR A 319 -4.26 29.65 15.77
C THR A 319 -4.53 31.18 15.77
N PRO A 320 -5.41 31.69 16.67
CA PRO A 320 -5.77 33.13 16.64
C PRO A 320 -4.65 34.17 16.53
N GLU A 321 -3.45 33.89 17.07
CA GLU A 321 -2.34 34.84 17.07
C GLU A 321 -1.72 35.08 15.67
N TYR A 322 -1.92 34.15 14.70
CA TYR A 322 -1.37 34.25 13.35
C TYR A 322 -2.41 34.51 12.27
N VAL A 323 -3.71 34.60 12.63
CA VAL A 323 -4.80 34.81 11.67
C VAL A 323 -4.72 36.25 11.11
N ALA A 324 -4.78 36.41 9.77
CA ALA A 324 -4.75 37.73 9.11
C ALA A 324 -6.12 38.47 9.21
N PRO A 325 -6.17 39.84 9.15
CA PRO A 325 -7.45 40.56 9.29
C PRO A 325 -8.57 40.17 8.32
N GLU A 326 -8.22 39.97 7.06
CA GLU A 326 -9.17 39.58 6.02
C GLU A 326 -9.86 38.24 6.32
N ILE A 327 -9.21 37.33 7.09
CA ILE A 327 -9.79 36.04 7.49
C ILE A 327 -10.85 36.30 8.55
N ILE A 328 -10.49 37.12 9.57
CA ILE A 328 -11.33 37.54 10.71
C ILE A 328 -12.60 38.23 10.21
N LEU A 329 -12.44 39.09 9.17
CA LEU A 329 -13.52 39.90 8.62
C LEU A 329 -14.37 39.21 7.60
N ASN A 330 -14.13 37.93 7.35
CA ASN A 330 -14.91 37.18 6.37
C ASN A 330 -14.96 37.84 4.99
N LYS A 331 -13.87 38.54 4.66
CA LYS A 331 -13.58 39.08 3.36
C LYS A 331 -12.82 37.84 2.87
N GLY A 332 -12.63 37.65 1.57
CA GLY A 332 -11.90 36.48 1.13
C GLY A 332 -10.43 36.57 1.49
N HIS A 333 -9.66 35.51 1.21
CA HIS A 333 -8.22 35.52 1.42
C HIS A 333 -7.51 34.65 0.40
N ASP A 334 -6.26 34.99 0.09
CA ASP A 334 -5.42 34.25 -0.86
C ASP A 334 -3.98 34.17 -0.31
N ILE A 335 -3.00 33.87 -1.19
CA ILE A 335 -1.56 33.80 -0.91
C ILE A 335 -1.05 34.92 0.02
N SER A 336 -1.63 36.14 -0.10
CA SER A 336 -1.24 37.30 0.68
C SER A 336 -1.40 37.17 2.20
N ALA A 337 -2.19 36.21 2.69
CA ALA A 337 -2.30 36.03 4.13
C ALA A 337 -1.02 35.43 4.70
N ASP A 338 -0.22 34.72 3.86
CA ASP A 338 1.04 34.12 4.30
C ASP A 338 2.09 35.19 4.56
N TYR A 339 2.04 36.32 3.83
CA TYR A 339 2.97 37.43 4.07
C TYR A 339 2.66 38.04 5.45
N TRP A 340 1.37 38.15 5.85
CA TRP A 340 1.02 38.62 7.20
C TRP A 340 1.68 37.72 8.26
N SER A 341 1.52 36.39 8.11
CA SER A 341 2.11 35.40 9.02
C SER A 341 3.63 35.48 9.15
N LEU A 342 4.31 35.88 8.08
CA LEU A 342 5.77 36.05 8.09
C LEU A 342 6.17 37.20 9.04
N GLY A 343 5.41 38.30 9.04
CA GLY A 343 5.60 39.44 9.93
C GLY A 343 5.35 39.07 11.39
N ILE A 344 4.33 38.24 11.64
CA ILE A 344 4.02 37.75 12.97
C ILE A 344 5.15 36.81 13.44
N LEU A 345 5.59 35.90 12.57
CA LEU A 345 6.65 34.95 12.90
C LEU A 345 7.97 35.67 13.23
N MET A 346 8.33 36.69 12.46
CA MET A 346 9.55 37.49 12.71
C MET A 346 9.52 38.04 14.15
N TYR A 347 8.40 38.70 14.49
CA TYR A 347 8.13 39.33 15.78
C TYR A 347 8.28 38.36 16.96
N GLU A 348 7.67 37.16 16.86
CA GLU A 348 7.77 36.19 17.93
C GLU A 348 9.18 35.61 18.01
N LEU A 349 9.85 35.38 16.89
CA LEU A 349 11.19 34.83 16.97
C LEU A 349 12.16 35.80 17.66
N LEU A 350 11.97 37.13 17.48
CA LEU A 350 12.83 38.15 18.08
C LEU A 350 12.49 38.48 19.53
N THR A 351 11.23 38.31 19.98
CA THR A 351 10.78 38.62 21.36
C THR A 351 10.28 37.42 22.19
N GLY A 352 10.08 36.26 21.56
CA GLY A 352 9.54 35.07 22.21
C GLY A 352 8.01 35.06 22.36
N SER A 353 7.33 36.15 21.92
CA SER A 353 5.87 36.29 22.05
C SER A 353 5.33 37.04 20.83
N PRO A 354 4.24 36.58 20.15
CA PRO A 354 3.70 37.33 19.01
C PRO A 354 3.06 38.68 19.41
N PRO A 355 2.82 39.58 18.45
CA PRO A 355 2.37 40.93 18.80
C PRO A 355 0.96 41.05 19.30
N PHE A 356 0.04 40.28 18.72
CA PHE A 356 -1.39 40.31 19.04
C PHE A 356 -1.79 39.11 19.90
N SER A 357 -2.16 39.34 21.18
CA SER A 357 -2.60 38.23 22.03
C SER A 357 -3.52 38.69 23.14
N GLY A 358 -4.72 38.14 23.16
CA GLY A 358 -5.74 38.37 24.18
C GLY A 358 -6.00 37.13 25.00
N PRO A 359 -6.84 37.23 26.05
CA PRO A 359 -7.11 36.06 26.89
C PRO A 359 -7.97 34.97 26.25
N ASP A 360 -8.58 35.24 25.08
CA ASP A 360 -9.38 34.25 24.35
C ASP A 360 -9.31 34.61 22.85
N PRO A 361 -9.84 33.77 21.94
CA PRO A 361 -9.75 34.07 20.50
C PRO A 361 -10.37 35.39 20.10
N MET A 362 -11.58 35.64 20.60
CA MET A 362 -12.34 36.84 20.27
C MET A 362 -11.61 38.12 20.69
N LYS A 363 -10.92 38.11 21.87
CA LYS A 363 -10.13 39.27 22.34
C LYS A 363 -8.87 39.42 21.50
N THR A 364 -8.17 38.31 21.17
CA THR A 364 -7.02 38.31 20.27
C THR A 364 -7.45 38.89 18.89
N TYR A 365 -8.60 38.44 18.32
CA TYR A 365 -9.10 38.97 17.03
C TYR A 365 -9.36 40.50 17.07
N ASN A 366 -9.69 41.05 18.24
CA ASN A 366 -9.93 42.49 18.41
C ASN A 366 -8.65 43.31 18.35
N ILE A 367 -7.51 42.76 18.85
CA ILE A 367 -6.21 43.48 18.89
C ILE A 367 -5.49 43.40 17.48
N ILE A 368 -5.74 42.31 16.71
CA ILE A 368 -5.27 42.13 15.33
C ILE A 368 -5.94 43.19 14.45
N LEU A 369 -7.24 43.40 14.63
CA LEU A 369 -8.02 44.38 13.87
C LEU A 369 -7.63 45.84 14.15
N ARG A 370 -6.96 46.14 15.31
CA ARG A 370 -6.46 47.49 15.63
C ARG A 370 -5.19 47.83 14.81
N GLY A 371 -4.42 46.80 14.41
CA GLY A 371 -3.27 46.92 13.52
C GLY A 371 -1.89 46.84 14.12
N ILE A 372 -0.89 46.71 13.21
CA ILE A 372 0.54 46.70 13.57
C ILE A 372 1.01 48.12 13.89
N ASP A 373 0.34 49.13 13.30
CA ASP A 373 0.69 50.53 13.56
C ASP A 373 0.26 50.96 14.98
N MET A 374 -0.66 50.22 15.60
CA MET A 374 -1.14 50.51 16.94
C MET A 374 -0.34 49.80 18.04
N ILE A 375 0.81 49.14 17.72
CA ILE A 375 1.64 48.43 18.70
C ILE A 375 3.04 49.06 18.75
N GLU A 376 3.58 49.17 20.00
CA GLU A 376 4.92 49.71 20.26
C GLU A 376 5.92 48.56 20.15
N PHE A 377 6.88 48.67 19.23
CA PHE A 377 7.84 47.61 18.99
C PHE A 377 8.95 47.67 20.00
N PRO A 378 9.25 46.58 20.74
CA PRO A 378 10.37 46.62 21.70
C PRO A 378 11.70 47.09 21.10
N LYS A 379 12.58 47.68 21.96
CA LYS A 379 13.89 48.15 21.52
C LYS A 379 14.74 46.99 20.95
N LYS A 380 14.47 45.74 21.42
CA LYS A 380 15.13 44.51 20.96
C LYS A 380 15.03 44.33 19.42
N ILE A 381 13.87 44.69 18.82
CA ILE A 381 13.64 44.54 17.39
C ILE A 381 14.36 45.67 16.67
N ALA A 382 15.30 45.30 15.76
CA ALA A 382 16.10 46.24 14.98
C ALA A 382 15.21 47.03 14.04
N LYS A 383 15.52 48.33 13.88
CA LYS A 383 14.83 49.28 13.00
C LYS A 383 14.37 48.66 11.62
N ASN A 384 15.25 47.86 10.98
CA ASN A 384 14.99 47.21 9.67
C ASN A 384 14.01 46.04 9.80
N ALA A 385 14.13 45.24 10.88
CA ALA A 385 13.24 44.10 11.13
C ALA A 385 11.85 44.63 11.40
N ALA A 386 11.74 45.71 12.20
CA ALA A 386 10.47 46.36 12.52
C ALA A 386 9.85 46.95 11.26
N ASN A 387 10.66 47.60 10.39
CA ASN A 387 10.15 48.17 9.15
C ASN A 387 9.56 47.09 8.21
N LEU A 388 10.19 45.89 8.14
CA LEU A 388 9.73 44.75 7.33
C LEU A 388 8.45 44.15 7.95
N ILE A 389 8.40 43.98 9.28
CA ILE A 389 7.20 43.44 9.94
C ILE A 389 6.01 44.34 9.64
N LYS A 390 6.17 45.68 9.65
CA LYS A 390 5.06 46.61 9.37
C LYS A 390 4.61 46.55 7.91
N LYS A 391 5.55 46.28 6.96
CA LYS A 391 5.20 46.17 5.54
C LYS A 391 4.45 44.85 5.28
N LEU A 392 4.85 43.78 5.98
CA LEU A 392 4.22 42.46 5.86
C LEU A 392 2.87 42.41 6.58
N CYS A 393 2.71 43.16 7.68
CA CYS A 393 1.47 43.20 8.46
C CYS A 393 0.62 44.46 8.15
N ARG A 394 0.40 44.74 6.87
CA ARG A 394 -0.49 45.83 6.46
C ARG A 394 -1.90 45.21 6.37
N ASP A 395 -2.91 45.92 6.92
CA ASP A 395 -4.32 45.53 6.93
C ASP A 395 -4.81 45.12 5.56
N ASN A 396 -4.63 45.97 4.54
CA ASN A 396 -5.07 45.64 3.19
C ASN A 396 -4.18 44.54 2.55
N PRO A 397 -4.73 43.32 2.28
CA PRO A 397 -3.91 42.29 1.60
C PRO A 397 -3.30 42.74 0.27
N SER A 398 -3.91 43.72 -0.45
CA SER A 398 -3.36 44.25 -1.71
C SER A 398 -2.10 45.11 -1.48
N GLU A 399 -2.07 45.92 -0.39
CA GLU A 399 -0.95 46.80 -0.04
C GLU A 399 0.24 46.08 0.59
N ARG A 400 0.14 44.77 0.81
CA ARG A 400 1.10 43.97 1.54
C ARG A 400 2.36 43.60 0.75
N LEU A 401 3.53 43.69 1.41
CA LEU A 401 4.83 43.32 0.81
C LEU A 401 4.82 41.84 0.46
N GLY A 402 5.06 41.52 -0.80
CA GLY A 402 5.02 40.15 -1.31
C GLY A 402 3.87 39.96 -2.29
N ASN A 403 2.81 40.80 -2.15
CA ASN A 403 1.63 40.77 -2.98
C ASN A 403 1.61 41.99 -3.91
N LEU A 404 2.73 42.72 -4.01
CA LEU A 404 2.83 43.89 -4.86
C LEU A 404 3.57 43.58 -6.13
N LYS A 405 3.72 44.64 -6.96
CA LYS A 405 4.46 44.70 -8.21
C LYS A 405 5.47 43.57 -8.44
N ASN A 406 6.49 43.31 -7.57
CA ASN A 406 7.52 42.27 -7.83
C ASN A 406 7.33 40.95 -7.09
N GLY A 407 6.22 40.77 -6.39
CA GLY A 407 5.98 39.52 -5.69
C GLY A 407 6.90 39.32 -4.49
N VAL A 408 7.37 38.06 -4.29
CA VAL A 408 8.23 37.68 -3.16
C VAL A 408 9.63 38.34 -3.28
N LYS A 409 10.08 38.75 -4.50
CA LYS A 409 11.36 39.47 -4.68
C LYS A 409 11.40 40.78 -3.86
N ASP A 410 10.23 41.44 -3.65
CA ASP A 410 10.15 42.65 -2.83
C ASP A 410 10.47 42.37 -1.35
N ILE A 411 10.13 41.16 -0.84
CA ILE A 411 10.46 40.76 0.52
C ILE A 411 11.98 40.47 0.52
N GLN A 412 12.45 39.62 -0.44
CA GLN A 412 13.85 39.26 -0.57
C GLN A 412 14.79 40.45 -0.67
N LYS A 413 14.37 41.50 -1.40
CA LYS A 413 15.19 42.68 -1.64
C LYS A 413 15.17 43.73 -0.52
N HIS A 414 14.40 43.49 0.56
CA HIS A 414 14.30 44.43 1.69
C HIS A 414 15.66 44.73 2.35
N LYS A 415 15.78 45.91 2.95
CA LYS A 415 16.98 46.40 3.66
C LYS A 415 17.51 45.40 4.69
N TRP A 416 16.60 44.78 5.51
CA TRP A 416 16.92 43.77 6.55
C TRP A 416 17.72 42.64 5.93
N PHE A 417 17.43 42.28 4.68
CA PHE A 417 18.09 41.21 3.95
C PHE A 417 19.38 41.64 3.18
N GLU A 418 19.91 42.85 3.44
CA GLU A 418 21.13 43.31 2.80
C GLU A 418 22.30 42.54 3.41
N GLY A 419 23.08 41.91 2.55
CA GLY A 419 24.18 41.05 2.97
C GLY A 419 23.78 39.59 3.06
N PHE A 420 22.44 39.28 2.99
CA PHE A 420 21.94 37.92 3.07
C PHE A 420 22.20 37.19 1.74
N ASN A 421 23.01 36.13 1.79
CA ASN A 421 23.34 35.35 0.60
C ASN A 421 22.18 34.41 0.26
N TRP A 422 21.24 34.93 -0.53
CA TRP A 422 20.11 34.12 -0.97
C TRP A 422 20.52 32.89 -1.76
N GLU A 423 21.55 33.00 -2.60
CA GLU A 423 22.02 31.93 -3.48
C GLU A 423 22.72 30.77 -2.74
N GLY A 424 23.44 31.06 -1.65
CA GLY A 424 24.10 30.07 -0.81
C GLY A 424 23.09 29.30 0.01
N LEU A 425 21.97 29.97 0.37
CA LEU A 425 20.87 29.33 1.09
C LEU A 425 20.23 28.30 0.17
N ARG A 426 19.88 28.70 -1.07
CA ARG A 426 19.28 27.77 -2.02
C ARG A 426 20.26 26.62 -2.36
N LYS A 427 21.57 26.92 -2.42
CA LYS A 427 22.59 25.89 -2.70
C LYS A 427 22.88 24.96 -1.50
N GLY A 428 22.60 25.43 -0.29
CA GLY A 428 22.85 24.69 0.93
C GLY A 428 24.26 24.89 1.45
N THR A 429 24.93 25.96 1.01
CA THR A 429 26.30 26.26 1.40
C THR A 429 26.38 27.30 2.52
N LEU A 430 25.30 28.06 2.77
CA LEU A 430 25.26 29.11 3.80
C LEU A 430 25.25 28.46 5.19
N THR A 431 26.20 28.85 6.07
CA THR A 431 26.36 28.27 7.42
C THR A 431 25.18 28.65 8.34
N PRO A 432 24.33 27.70 8.80
CA PRO A 432 23.19 28.09 9.65
C PRO A 432 23.57 28.67 11.02
N PRO A 433 22.62 29.37 11.68
CA PRO A 433 22.91 29.97 12.99
C PRO A 433 23.06 28.98 14.16
N ILE A 434 22.23 27.92 14.18
CA ILE A 434 22.26 26.93 15.25
C ILE A 434 22.57 25.59 14.61
N ILE A 435 23.78 25.06 14.88
CA ILE A 435 24.24 23.79 14.31
C ILE A 435 23.85 22.61 15.24
N PRO A 436 22.87 21.76 14.86
CA PRO A 436 22.49 20.65 15.75
C PRO A 436 23.50 19.49 15.76
N SER A 437 23.54 18.77 16.91
CA SER A 437 24.42 17.63 17.16
C SER A 437 23.63 16.30 16.92
N VAL A 438 23.74 15.76 15.68
CA VAL A 438 23.10 14.51 15.23
C VAL A 438 24.20 13.47 14.94
N ALA A 439 24.42 12.51 15.85
CA ALA A 439 25.48 11.51 15.71
C ALA A 439 25.21 10.41 14.68
N SER A 440 23.93 10.19 14.28
CA SER A 440 23.55 9.14 13.32
C SER A 440 22.12 9.37 12.87
N PRO A 441 21.62 8.64 11.84
CA PRO A 441 20.21 8.76 11.46
C PRO A 441 19.20 8.32 12.55
N THR A 442 19.61 7.51 13.56
CA THR A 442 18.75 7.09 14.69
C THR A 442 18.82 8.05 15.92
N ASP A 443 19.40 9.25 15.76
CA ASP A 443 19.57 10.19 16.87
C ASP A 443 18.35 11.09 17.08
N THR A 444 17.56 10.86 18.16
CA THR A 444 16.44 11.72 18.51
C THR A 444 16.75 12.55 19.76
N SER A 445 18.05 12.80 20.07
CA SER A 445 18.41 13.55 21.28
C SER A 445 18.00 15.03 21.22
N ASN A 446 17.77 15.58 19.99
CA ASN A 446 17.33 16.97 19.83
C ASN A 446 15.78 17.14 20.03
N PHE A 447 15.08 16.06 20.48
CA PHE A 447 13.62 16.04 20.74
C PHE A 447 13.34 15.78 22.18
N ASP A 448 12.13 16.16 22.64
CA ASP A 448 11.70 15.92 24.02
C ASP A 448 11.53 14.42 24.21
N SER A 449 11.48 13.98 25.48
CA SER A 449 11.28 12.57 25.79
C SER A 449 9.78 12.34 25.82
N PHE A 450 9.30 11.31 25.11
CA PHE A 450 7.86 10.99 25.03
C PHE A 450 7.58 9.60 25.55
N PRO A 451 6.64 9.44 26.50
CA PRO A 451 6.33 8.09 26.99
C PRO A 451 5.56 7.29 25.95
N GLU A 452 5.76 5.95 25.99
CA GLU A 452 5.13 4.95 25.11
C GLU A 452 3.60 4.96 25.33
N ASP A 453 2.79 4.88 24.23
CA ASP A 453 1.33 4.89 24.35
C ASP A 453 0.80 3.63 25.05
N ASN A 454 0.29 3.81 26.27
CA ASN A 454 -0.27 2.74 27.07
C ASN A 454 -1.80 2.71 26.93
N ASP A 455 -2.42 3.80 26.40
CA ASP A 455 -3.88 3.85 26.21
C ASP A 455 -4.34 2.96 25.05
N GLU A 456 -5.61 2.50 25.12
CA GLU A 456 -6.18 1.61 24.10
C GLU A 456 -6.44 2.38 22.80
N PRO A 457 -6.45 1.67 21.63
CA PRO A 457 -6.62 2.40 20.36
C PRO A 457 -8.01 2.99 20.14
N PRO A 458 -8.13 3.93 19.18
CA PRO A 458 -9.44 4.56 18.93
C PRO A 458 -10.38 3.64 18.18
N PRO A 459 -11.66 4.01 18.02
CA PRO A 459 -12.57 3.14 17.27
C PRO A 459 -12.21 3.02 15.78
N ASP A 460 -12.70 1.96 15.13
CA ASP A 460 -12.51 1.79 13.70
C ASP A 460 -13.24 2.91 12.93
N ASP A 461 -12.79 3.15 11.70
CA ASP A 461 -13.44 4.09 10.78
C ASP A 461 -13.32 3.50 9.40
N ASN A 462 -14.38 2.83 8.94
CA ASN A 462 -14.42 2.23 7.61
C ASN A 462 -15.41 2.97 6.67
N SER A 463 -15.59 4.30 6.91
CA SER A 463 -16.46 5.18 6.11
C SER A 463 -16.07 5.17 4.64
N GLY A 464 -14.77 5.33 4.36
CA GLY A 464 -14.25 5.33 3.00
C GLY A 464 -13.75 6.66 2.47
N TRP A 465 -13.73 7.71 3.30
CA TRP A 465 -13.16 9.01 2.89
C TRP A 465 -11.60 8.87 2.74
N ASP A 466 -11.02 7.80 3.34
CA ASP A 466 -9.59 7.47 3.26
C ASP A 466 -9.22 6.67 2.01
N ILE A 467 -10.18 6.39 1.09
CA ILE A 467 -9.96 5.64 -0.16
C ILE A 467 -8.61 5.96 -0.85
N ASP A 468 -8.22 7.25 -0.90
CA ASP A 468 -6.97 7.68 -1.54
C ASP A 468 -5.68 7.37 -0.78
N PHE A 469 -5.76 7.13 0.54
CA PHE A 469 -4.57 6.85 1.36
C PHE A 469 -4.02 5.41 1.15
N GLY B 3 -14.22 12.32 -30.51
CA GLY B 3 -13.42 13.52 -30.31
C GLY B 3 -13.31 13.98 -28.86
N LEU B 4 -12.79 15.21 -28.65
CA LEU B 4 -12.58 15.78 -27.30
C LEU B 4 -13.88 15.87 -26.48
N ILE B 5 -14.97 16.37 -27.10
CA ILE B 5 -16.27 16.48 -26.42
C ILE B 5 -16.75 15.07 -26.01
N LYS B 6 -16.89 14.17 -26.98
CA LYS B 6 -17.37 12.80 -26.74
C LYS B 6 -16.49 12.02 -25.75
N HIS B 7 -15.17 12.27 -25.76
CA HIS B 7 -14.21 11.64 -24.84
C HIS B 7 -14.48 12.12 -23.41
N THR B 8 -14.63 13.44 -23.21
CA THR B 8 -14.97 13.99 -21.88
C THR B 8 -16.37 13.55 -21.46
N GLU B 9 -17.33 13.42 -22.39
CA GLU B 9 -18.67 12.94 -22.05
C GLU B 9 -18.63 11.49 -21.57
N TYR B 10 -17.81 10.63 -22.20
CA TYR B 10 -17.61 9.25 -21.75
C TYR B 10 -16.87 9.25 -20.41
N MET B 11 -15.92 10.19 -20.24
CA MET B 11 -15.16 10.33 -19.00
C MET B 11 -16.08 10.71 -17.84
N GLU B 12 -16.95 11.70 -18.06
CA GLU B 12 -17.89 12.17 -17.03
C GLU B 12 -18.89 11.05 -16.75
N PHE B 13 -19.31 10.27 -17.79
CA PHE B 13 -20.25 9.16 -17.63
C PHE B 13 -19.65 8.04 -16.76
N LEU B 14 -18.43 7.52 -17.11
CA LEU B 14 -17.77 6.45 -16.33
C LEU B 14 -17.51 6.80 -14.85
N LYS B 15 -17.23 8.07 -14.50
CA LYS B 15 -17.07 8.42 -13.08
C LYS B 15 -18.43 8.40 -12.32
N SER B 16 -19.59 8.40 -13.03
CA SER B 16 -20.90 8.26 -12.39
C SER B 16 -21.31 6.78 -12.23
N VAL B 17 -20.57 5.83 -12.86
CA VAL B 17 -20.83 4.39 -12.80
C VAL B 17 -20.27 3.80 -11.50
N PRO B 18 -21.12 3.09 -10.71
CA PRO B 18 -20.69 2.56 -9.40
C PRO B 18 -19.27 1.96 -9.24
N THR B 19 -18.88 1.00 -10.08
CA THR B 19 -17.57 0.35 -9.91
C THR B 19 -16.42 1.11 -10.56
N PHE B 20 -16.65 1.63 -11.77
CA PHE B 20 -15.60 2.31 -12.53
C PHE B 20 -15.09 3.56 -11.86
N GLN B 21 -15.97 4.29 -11.15
CA GLN B 21 -15.64 5.55 -10.44
C GLN B 21 -14.40 5.49 -9.56
N SER B 22 -14.11 4.33 -8.98
CA SER B 22 -12.93 4.14 -8.14
C SER B 22 -11.61 4.11 -8.92
N LEU B 23 -11.65 3.76 -10.22
CA LEU B 23 -10.44 3.59 -11.05
C LEU B 23 -9.65 4.86 -11.36
N PRO B 24 -8.32 4.73 -11.60
CA PRO B 24 -7.51 5.90 -11.98
C PRO B 24 -7.96 6.61 -13.25
N GLU B 25 -7.61 7.91 -13.38
CA GLU B 25 -7.98 8.71 -14.55
C GLU B 25 -7.35 8.20 -15.85
N GLU B 26 -6.16 7.58 -15.78
CA GLU B 26 -5.49 7.09 -16.98
C GLU B 26 -6.26 5.91 -17.61
N ILE B 27 -6.91 5.08 -16.78
CA ILE B 27 -7.71 3.94 -17.24
C ILE B 27 -8.99 4.49 -17.83
N LEU B 28 -9.63 5.43 -17.13
CA LEU B 28 -10.87 6.08 -17.58
C LEU B 28 -10.69 6.78 -18.94
N SER B 29 -9.56 7.48 -19.16
CA SER B 29 -9.31 8.13 -20.45
C SER B 29 -9.02 7.08 -21.52
N LYS B 30 -8.17 6.09 -21.20
CA LYS B 30 -7.86 4.98 -22.12
C LYS B 30 -9.16 4.24 -22.53
N LEU B 31 -10.09 4.02 -21.58
CA LEU B 31 -11.39 3.40 -21.83
C LEU B 31 -12.19 4.25 -22.83
N ALA B 32 -12.29 5.56 -22.55
CA ALA B 32 -13.02 6.49 -23.41
C ALA B 32 -12.46 6.53 -24.85
N ASP B 33 -11.13 6.32 -25.04
CA ASP B 33 -10.54 6.32 -26.39
C ASP B 33 -11.01 5.12 -27.30
N VAL B 34 -11.50 4.01 -26.70
CA VAL B 34 -11.91 2.78 -27.43
C VAL B 34 -13.41 2.41 -27.33
N LEU B 35 -14.21 3.15 -26.56
CA LEU B 35 -15.62 2.80 -26.41
C LEU B 35 -16.44 3.21 -27.63
N GLU B 36 -17.13 2.25 -28.26
CA GLU B 36 -18.00 2.50 -29.41
C GLU B 36 -19.40 2.76 -28.93
N GLU B 37 -20.10 3.72 -29.55
CA GLU B 37 -21.51 4.01 -29.23
C GLU B 37 -22.40 3.25 -30.21
N THR B 38 -23.30 2.40 -29.69
CA THR B 38 -24.24 1.63 -30.50
C THR B 38 -25.64 2.01 -30.06
N HIS B 39 -26.61 1.99 -31.00
CA HIS B 39 -28.00 2.40 -30.73
C HIS B 39 -29.00 1.30 -31.08
N TYR B 40 -30.09 1.26 -30.32
CA TYR B 40 -31.14 0.24 -30.45
C TYR B 40 -32.50 0.87 -30.21
N GLU B 41 -33.52 0.47 -30.99
CA GLU B 41 -34.91 0.93 -30.79
C GLU B 41 -35.65 -0.10 -29.94
N ASN B 42 -36.83 0.25 -29.40
CA ASN B 42 -37.62 -0.63 -28.50
C ASN B 42 -37.78 -2.05 -29.08
N GLY B 43 -37.67 -3.06 -28.20
CA GLY B 43 -37.79 -4.46 -28.57
C GLY B 43 -36.63 -5.09 -29.33
N GLU B 44 -35.63 -4.30 -29.76
CA GLU B 44 -34.49 -4.81 -30.53
C GLU B 44 -33.58 -5.64 -29.65
N TYR B 45 -33.17 -6.83 -30.13
CA TYR B 45 -32.30 -7.74 -29.37
C TYR B 45 -30.85 -7.28 -29.49
N ILE B 46 -30.26 -6.82 -28.36
CA ILE B 46 -28.85 -6.41 -28.28
C ILE B 46 -28.01 -7.68 -28.29
N ILE B 47 -28.42 -8.67 -27.48
CA ILE B 47 -27.82 -10.00 -27.36
C ILE B 47 -28.91 -11.04 -27.53
N ARG B 48 -28.61 -12.12 -28.28
CA ARG B 48 -29.51 -13.26 -28.54
C ARG B 48 -28.90 -14.51 -27.85
N GLN B 49 -29.67 -15.24 -27.01
CA GLN B 49 -29.20 -16.40 -26.23
C GLN B 49 -28.71 -17.50 -27.20
N GLY B 50 -27.53 -18.05 -26.91
CA GLY B 50 -26.89 -19.04 -27.76
C GLY B 50 -25.91 -18.45 -28.75
N ALA B 51 -25.97 -17.11 -28.98
CA ALA B 51 -25.03 -16.43 -29.89
C ALA B 51 -23.64 -16.38 -29.25
N ARG B 52 -22.61 -16.38 -30.10
CA ARG B 52 -21.21 -16.32 -29.67
C ARG B 52 -20.81 -14.83 -29.71
N GLY B 53 -20.31 -14.28 -28.60
CA GLY B 53 -19.96 -12.86 -28.53
C GLY B 53 -18.70 -12.57 -27.74
N ASP B 54 -17.99 -11.48 -28.12
CA ASP B 54 -16.77 -11.03 -27.43
C ASP B 54 -16.96 -9.57 -26.95
N THR B 55 -18.21 -9.07 -26.90
CA THR B 55 -18.53 -7.68 -26.57
C THR B 55 -19.12 -7.47 -25.16
N PHE B 56 -18.75 -6.31 -24.53
CA PHE B 56 -19.21 -5.88 -23.20
C PHE B 56 -20.02 -4.59 -23.31
N PHE B 57 -21.23 -4.51 -22.72
CA PHE B 57 -22.09 -3.32 -22.85
C PHE B 57 -22.32 -2.57 -21.57
N ILE B 58 -22.04 -1.27 -21.57
CA ILE B 58 -22.34 -0.38 -20.45
C ILE B 58 -23.49 0.46 -20.97
N ILE B 59 -24.63 0.47 -20.28
CA ILE B 59 -25.81 1.22 -20.73
C ILE B 59 -25.60 2.69 -20.39
N SER B 60 -25.66 3.58 -21.40
CA SER B 60 -25.54 5.02 -21.18
C SER B 60 -26.93 5.71 -21.22
N LYS B 61 -27.90 5.17 -21.98
CA LYS B 61 -29.26 5.73 -22.09
C LYS B 61 -30.27 4.59 -22.34
N GLY B 62 -31.44 4.68 -21.70
CA GLY B 62 -32.49 3.68 -21.81
C GLY B 62 -32.36 2.51 -20.87
N THR B 63 -33.20 1.47 -21.10
CA THR B 63 -33.25 0.24 -20.29
C THR B 63 -33.41 -0.99 -21.18
N VAL B 64 -32.93 -2.12 -20.65
CA VAL B 64 -32.94 -3.43 -21.32
C VAL B 64 -33.60 -4.48 -20.41
N ASN B 65 -34.26 -5.50 -21.00
CA ASN B 65 -34.95 -6.58 -20.26
C ASN B 65 -34.20 -7.89 -20.47
N VAL B 66 -33.51 -8.39 -19.42
CA VAL B 66 -32.72 -9.63 -19.50
C VAL B 66 -33.65 -10.85 -19.35
N THR B 67 -33.67 -11.76 -20.35
CA THR B 67 -34.53 -12.97 -20.33
C THR B 67 -33.67 -14.22 -20.63
N ARG B 68 -34.26 -15.41 -20.47
CA ARG B 68 -33.53 -16.69 -20.65
C ARG B 68 -34.55 -17.80 -20.97
N GLU B 69 -34.49 -18.39 -22.19
CA GLU B 69 -35.46 -19.42 -22.64
C GLU B 69 -34.98 -20.87 -22.48
N ASP B 70 -35.77 -21.66 -21.70
CA ASP B 70 -35.53 -23.08 -21.42
C ASP B 70 -36.14 -23.99 -22.49
N SER B 71 -37.35 -23.66 -22.96
CA SER B 71 -38.01 -24.44 -24.00
C SER B 71 -39.09 -23.61 -24.70
N PRO B 72 -39.19 -23.67 -26.05
CA PRO B 72 -40.26 -22.92 -26.73
C PRO B 72 -41.66 -23.48 -26.43
N SER B 73 -42.70 -22.81 -26.97
CA SER B 73 -44.12 -23.14 -26.73
C SER B 73 -44.49 -22.77 -25.26
N GLU B 74 -43.77 -21.79 -24.65
CA GLU B 74 -43.96 -21.37 -23.26
C GLU B 74 -44.11 -19.84 -23.10
N ASP B 75 -44.66 -19.42 -21.94
CA ASP B 75 -44.89 -18.02 -21.56
C ASP B 75 -43.57 -17.22 -21.44
N PRO B 76 -43.59 -15.85 -21.40
CA PRO B 76 -42.34 -15.09 -21.23
C PRO B 76 -41.56 -15.51 -19.97
N VAL B 77 -40.21 -15.43 -20.01
CA VAL B 77 -39.32 -15.96 -18.94
C VAL B 77 -38.47 -14.90 -18.21
N PHE B 78 -37.93 -15.35 -17.05
CA PHE B 78 -36.99 -14.70 -16.11
C PHE B 78 -37.32 -13.22 -15.73
N LEU B 79 -36.88 -12.22 -16.51
CA LEU B 79 -37.07 -10.79 -16.21
C LEU B 79 -36.10 -10.31 -15.08
N ARG B 80 -35.13 -9.47 -15.45
CA ARG B 80 -34.19 -8.83 -14.53
C ARG B 80 -33.75 -7.58 -15.25
N THR B 81 -34.45 -6.46 -15.04
CA THR B 81 -34.19 -5.22 -15.76
C THR B 81 -32.94 -4.46 -15.25
N LEU B 82 -32.21 -3.83 -16.23
CA LEU B 82 -30.99 -3.03 -16.04
C LEU B 82 -31.14 -1.72 -16.84
N GLY B 83 -30.51 -0.64 -16.35
CA GLY B 83 -30.58 0.69 -16.93
C GLY B 83 -29.25 1.43 -16.97
N LYS B 84 -29.28 2.79 -17.04
CA LYS B 84 -28.05 3.64 -17.09
C LYS B 84 -27.10 3.31 -15.94
N GLY B 85 -25.83 3.06 -16.27
CA GLY B 85 -24.79 2.69 -15.31
C GLY B 85 -24.61 1.20 -15.08
N ASP B 86 -25.62 0.38 -15.45
CA ASP B 86 -25.51 -1.08 -15.29
C ASP B 86 -24.79 -1.64 -16.52
N TRP B 87 -24.45 -2.92 -16.47
CA TRP B 87 -23.77 -3.56 -17.58
C TRP B 87 -24.12 -5.01 -17.72
N PHE B 88 -23.81 -5.57 -18.90
CA PHE B 88 -24.02 -6.97 -19.22
C PHE B 88 -23.03 -7.45 -20.27
N GLY B 89 -22.86 -8.76 -20.37
CA GLY B 89 -21.95 -9.38 -21.32
C GLY B 89 -20.50 -9.51 -20.90
N GLU B 90 -20.15 -9.03 -19.69
CA GLU B 90 -18.80 -9.11 -19.11
C GLU B 90 -18.12 -10.47 -19.23
N LYS B 91 -18.90 -11.59 -19.28
CA LYS B 91 -18.34 -12.96 -19.45
C LYS B 91 -17.61 -13.09 -20.78
N ALA B 92 -18.12 -12.42 -21.81
CA ALA B 92 -17.52 -12.37 -23.15
C ALA B 92 -16.05 -11.89 -23.15
N LEU B 93 -15.69 -10.96 -22.23
CA LEU B 93 -14.33 -10.43 -22.10
C LEU B 93 -13.37 -11.44 -21.45
N GLN B 94 -13.88 -12.37 -20.61
CA GLN B 94 -13.05 -13.40 -19.99
C GLN B 94 -12.62 -14.46 -21.03
N GLY B 95 -13.54 -14.83 -21.91
CA GLY B 95 -13.32 -15.85 -22.95
C GLY B 95 -14.60 -16.57 -23.37
N GLU B 96 -15.55 -16.77 -22.41
CA GLU B 96 -16.84 -17.43 -22.62
C GLU B 96 -17.66 -16.78 -23.77
N ASP B 97 -17.57 -17.34 -24.98
CA ASP B 97 -18.23 -16.77 -26.16
C ASP B 97 -19.77 -17.00 -26.19
N VAL B 98 -20.26 -18.23 -25.93
CA VAL B 98 -21.71 -18.54 -25.92
C VAL B 98 -22.48 -17.67 -24.92
N ARG B 99 -23.59 -17.06 -25.39
CA ARG B 99 -24.48 -16.22 -24.58
C ARG B 99 -25.49 -17.10 -23.87
N THR B 100 -25.69 -16.87 -22.55
CA THR B 100 -26.65 -17.64 -21.74
C THR B 100 -28.00 -16.93 -21.47
N ALA B 101 -28.21 -15.73 -22.04
CA ALA B 101 -29.45 -14.97 -21.81
C ALA B 101 -29.66 -13.93 -22.91
N ASN B 102 -30.93 -13.60 -23.20
CA ASN B 102 -31.24 -12.56 -24.18
C ASN B 102 -31.18 -11.22 -23.47
N VAL B 103 -30.95 -10.16 -24.23
CA VAL B 103 -30.94 -8.79 -23.73
C VAL B 103 -31.70 -8.01 -24.81
N ILE B 104 -32.94 -7.60 -24.50
CA ILE B 104 -33.85 -6.89 -25.41
C ILE B 104 -33.98 -5.45 -24.93
N ALA B 105 -34.01 -4.49 -25.84
CA ALA B 105 -34.18 -3.09 -25.49
C ALA B 105 -35.64 -2.84 -25.06
N ALA B 106 -35.86 -2.12 -23.94
CA ALA B 106 -37.21 -1.79 -23.45
C ALA B 106 -37.73 -0.45 -24.02
N GLU B 107 -36.82 0.40 -24.52
CA GLU B 107 -37.15 1.69 -25.10
C GLU B 107 -35.99 2.02 -26.06
N ALA B 108 -35.73 3.30 -26.37
CA ALA B 108 -34.57 3.65 -27.19
C ALA B 108 -33.36 3.51 -26.25
N VAL B 109 -32.41 2.60 -26.58
CA VAL B 109 -31.24 2.31 -25.76
C VAL B 109 -29.95 2.67 -26.49
N THR B 110 -28.97 3.17 -25.72
CA THR B 110 -27.64 3.50 -26.21
C THR B 110 -26.65 2.83 -25.25
N CYS B 111 -25.69 2.08 -25.83
CA CYS B 111 -24.65 1.39 -25.08
C CYS B 111 -23.28 1.87 -25.51
N LEU B 112 -22.32 1.85 -24.57
CA LEU B 112 -20.89 2.06 -24.83
C LEU B 112 -20.37 0.63 -24.92
N VAL B 113 -19.53 0.32 -25.92
CA VAL B 113 -19.09 -1.04 -26.21
C VAL B 113 -17.57 -1.19 -26.37
N ILE B 114 -17.01 -2.27 -25.79
CA ILE B 114 -15.60 -2.66 -25.96
C ILE B 114 -15.64 -4.16 -26.22
N ASP B 115 -14.60 -4.68 -26.86
CA ASP B 115 -14.50 -6.10 -27.14
C ASP B 115 -13.29 -6.67 -26.38
N ARG B 116 -13.17 -8.01 -26.37
CA ARG B 116 -12.12 -8.78 -25.68
C ARG B 116 -10.71 -8.37 -26.10
N ASP B 117 -10.54 -8.06 -27.38
CA ASP B 117 -9.24 -7.66 -27.96
C ASP B 117 -8.86 -6.25 -27.52
N SER B 118 -9.80 -5.28 -27.63
CA SER B 118 -9.60 -3.87 -27.21
C SER B 118 -9.35 -3.84 -25.72
N PHE B 119 -10.11 -4.65 -24.97
CA PHE B 119 -9.94 -4.71 -23.53
C PHE B 119 -8.56 -5.29 -23.18
N LYS B 120 -8.15 -6.39 -23.85
CA LYS B 120 -6.82 -6.96 -23.60
C LYS B 120 -5.67 -5.97 -23.86
N HIS B 121 -5.67 -5.24 -25.00
CA HIS B 121 -4.61 -4.27 -25.27
C HIS B 121 -4.69 -3.05 -24.38
N LEU B 122 -5.88 -2.68 -23.89
CA LEU B 122 -6.00 -1.55 -22.97
C LEU B 122 -5.29 -1.88 -21.66
N ILE B 123 -5.64 -3.06 -21.08
CA ILE B 123 -5.08 -3.60 -19.85
C ILE B 123 -3.59 -3.94 -20.04
N GLY B 124 -3.25 -4.50 -21.20
CA GLY B 124 -1.89 -4.91 -21.53
C GLY B 124 -0.94 -3.74 -21.69
N GLY B 125 -1.44 -2.67 -22.28
CA GLY B 125 -0.69 -1.44 -22.53
C GLY B 125 -0.75 -0.49 -21.35
N LEU B 126 -1.77 -0.69 -20.50
CA LEU B 126 -1.95 0.04 -19.22
C LEU B 126 -0.58 0.24 -18.58
N ASP B 127 0.25 -0.84 -18.61
CA ASP B 127 1.66 -0.93 -18.27
C ASP B 127 2.18 0.32 -17.53
N ASP B 128 1.62 0.48 -16.36
CA ASP B 128 1.93 1.57 -15.48
C ASP B 128 1.75 0.91 -14.13
N VAL B 129 2.86 0.68 -13.41
CA VAL B 129 2.79 -0.02 -12.13
C VAL B 129 1.76 0.64 -11.19
N SER B 130 1.61 1.99 -11.26
CA SER B 130 0.60 2.70 -10.46
C SER B 130 -0.80 2.35 -10.94
N ASN B 131 -0.98 2.10 -12.28
CA ASN B 131 -2.28 1.67 -12.85
C ASN B 131 -2.49 0.13 -12.74
N LYS B 132 -2.08 -0.49 -11.60
CA LYS B 132 -2.39 -1.86 -11.20
C LYS B 132 -3.42 -1.71 -10.04
N ALA B 133 -4.18 -0.59 -10.08
CA ALA B 133 -5.31 -0.29 -9.23
C ALA B 133 -6.44 -1.18 -9.76
N TYR B 134 -6.39 -1.47 -11.07
CA TYR B 134 -7.27 -2.40 -11.78
C TYR B 134 -7.24 -3.80 -11.13
N GLU B 135 -6.02 -4.34 -10.84
CA GLU B 135 -5.88 -5.65 -10.20
C GLU B 135 -6.52 -5.66 -8.78
N ASP B 136 -6.48 -4.51 -8.08
CA ASP B 136 -7.09 -4.36 -6.77
C ASP B 136 -8.60 -4.18 -6.91
N ALA B 137 -9.08 -3.46 -7.94
CA ALA B 137 -10.53 -3.23 -8.16
C ALA B 137 -11.26 -4.53 -8.58
N GLU B 138 -10.52 -5.39 -9.32
CA GLU B 138 -10.98 -6.70 -9.76
C GLU B 138 -11.11 -7.59 -8.54
N ALA B 139 -10.05 -7.59 -7.69
CA ALA B 139 -10.00 -8.39 -6.47
C ALA B 139 -11.15 -7.97 -5.56
N LYS B 140 -11.25 -6.67 -5.22
CA LYS B 140 -12.33 -6.09 -4.39
C LYS B 140 -13.73 -6.54 -4.88
N ALA B 141 -14.00 -6.42 -6.21
CA ALA B 141 -15.26 -6.80 -6.85
C ALA B 141 -15.48 -8.33 -6.86
N LYS B 142 -14.40 -9.12 -7.13
CA LYS B 142 -14.46 -10.59 -7.15
C LYS B 142 -14.92 -11.17 -5.78
N TYR B 143 -14.27 -10.72 -4.72
CA TYR B 143 -14.55 -11.18 -3.37
C TYR B 143 -15.86 -10.60 -2.82
N GLU B 144 -16.28 -9.39 -3.25
CA GLU B 144 -17.59 -8.83 -2.88
C GLU B 144 -18.69 -9.66 -3.59
N ALA B 145 -18.41 -10.15 -4.82
CA ALA B 145 -19.34 -11.00 -5.58
C ALA B 145 -19.46 -12.38 -4.97
N GLU B 146 -18.38 -12.88 -4.32
CA GLU B 146 -18.36 -14.19 -3.66
C GLU B 146 -19.23 -14.09 -2.43
N ALA B 147 -19.02 -13.02 -1.67
CA ALA B 147 -19.80 -12.78 -0.48
C ALA B 147 -21.28 -12.81 -0.86
N ALA B 148 -21.69 -12.09 -1.91
CA ALA B 148 -23.06 -12.05 -2.43
C ALA B 148 -23.62 -13.42 -2.80
N PHE B 149 -22.82 -14.28 -3.46
CA PHE B 149 -23.20 -15.63 -3.86
C PHE B 149 -23.54 -16.45 -2.63
N PHE B 150 -22.58 -16.52 -1.69
CA PHE B 150 -22.77 -17.27 -0.47
C PHE B 150 -23.83 -16.62 0.45
N ALA B 151 -23.99 -15.26 0.39
CA ALA B 151 -24.98 -14.55 1.23
C ALA B 151 -26.43 -14.95 0.97
N ASN B 152 -26.75 -15.39 -0.26
CA ASN B 152 -28.08 -15.85 -0.69
C ASN B 152 -28.41 -17.27 -0.20
N LEU B 153 -27.38 -18.12 0.02
CA LEU B 153 -27.58 -19.51 0.48
C LEU B 153 -28.03 -19.61 1.99
N LYS B 154 -28.43 -20.82 2.40
CA LYS B 154 -28.88 -21.14 3.75
C LYS B 154 -28.35 -22.51 4.11
N LEU B 155 -28.31 -22.85 5.41
CA LEU B 155 -27.83 -24.18 5.84
C LEU B 155 -28.61 -25.27 5.12
N SER B 156 -29.92 -25.05 4.95
CA SER B 156 -30.83 -25.93 4.20
C SER B 156 -30.46 -26.14 2.71
N ASP B 157 -29.48 -25.37 2.13
CA ASP B 157 -29.01 -25.60 0.76
C ASP B 157 -27.82 -26.59 0.76
N PHE B 158 -27.61 -27.37 1.84
CA PHE B 158 -26.51 -28.31 1.97
C PHE B 158 -26.93 -29.70 2.43
N ASN B 159 -26.07 -30.68 2.13
CA ASN B 159 -26.24 -32.09 2.54
C ASN B 159 -24.97 -32.56 3.18
N ILE B 160 -25.07 -33.28 4.30
CA ILE B 160 -23.89 -33.85 4.96
C ILE B 160 -23.51 -35.12 4.24
N ILE B 161 -22.24 -35.21 3.85
CA ILE B 161 -21.67 -36.36 3.17
C ILE B 161 -21.09 -37.29 4.25
N ASP B 162 -20.14 -36.79 5.06
CA ASP B 162 -19.42 -37.55 6.08
C ASP B 162 -18.71 -36.59 7.05
N THR B 163 -18.26 -37.10 8.23
CA THR B 163 -17.57 -36.30 9.23
C THR B 163 -16.06 -36.34 8.95
N LEU B 164 -15.42 -35.19 9.11
CA LEU B 164 -13.99 -35.02 8.92
C LEU B 164 -13.24 -34.93 10.27
N GLY B 165 -13.93 -34.45 11.31
CA GLY B 165 -13.34 -34.31 12.62
C GLY B 165 -14.37 -34.09 13.71
N VAL B 166 -14.02 -34.46 14.95
CA VAL B 166 -14.88 -34.31 16.14
C VAL B 166 -13.99 -33.95 17.35
N GLY B 167 -14.54 -33.14 18.25
CA GLY B 167 -13.88 -32.75 19.49
C GLY B 167 -14.89 -32.17 20.46
N GLY B 168 -14.39 -31.62 21.56
CA GLY B 168 -15.22 -30.92 22.53
C GLY B 168 -15.83 -29.65 21.94
N PHE B 169 -15.14 -29.03 20.96
CA PHE B 169 -15.56 -27.84 20.22
C PHE B 169 -16.91 -28.01 19.48
N GLY B 170 -17.11 -29.21 18.92
CA GLY B 170 -18.22 -29.60 18.07
C GLY B 170 -17.69 -30.58 17.03
N ARG B 171 -17.85 -30.27 15.74
CA ARG B 171 -17.35 -31.17 14.68
C ARG B 171 -17.25 -30.51 13.31
N VAL B 172 -16.44 -31.12 12.40
CA VAL B 172 -16.30 -30.65 11.02
C VAL B 172 -16.96 -31.69 10.13
N GLU B 173 -18.02 -31.29 9.42
CA GLU B 173 -18.78 -32.14 8.50
C GLU B 173 -18.42 -31.80 7.06
N LEU B 174 -18.36 -32.81 6.19
CA LEU B 174 -18.13 -32.58 4.77
C LEU B 174 -19.56 -32.36 4.22
N VAL B 175 -19.83 -31.16 3.66
CA VAL B 175 -21.14 -30.81 3.12
C VAL B 175 -21.05 -30.73 1.59
N GLN B 176 -22.20 -30.95 0.94
CA GLN B 176 -22.41 -30.94 -0.50
C GLN B 176 -23.43 -29.83 -0.81
N LEU B 177 -23.08 -28.85 -1.66
CA LEU B 177 -24.00 -27.75 -2.01
C LEU B 177 -25.07 -28.32 -2.91
N LYS B 178 -26.36 -28.23 -2.47
CA LYS B 178 -27.48 -28.88 -3.17
C LYS B 178 -27.53 -28.55 -4.68
N SER B 179 -27.37 -27.29 -5.03
CA SER B 179 -27.37 -26.84 -6.43
C SER B 179 -26.20 -27.35 -7.30
N GLU B 180 -25.09 -27.87 -6.70
CA GLU B 180 -23.96 -28.42 -7.49
C GLU B 180 -23.21 -29.56 -6.76
N GLU B 181 -23.30 -30.80 -7.33
CA GLU B 181 -22.70 -32.05 -6.80
C GLU B 181 -21.14 -32.04 -6.68
N SER B 182 -20.47 -31.31 -7.61
CA SER B 182 -19.01 -31.26 -7.67
C SER B 182 -18.35 -30.37 -6.57
N LYS B 183 -19.01 -29.27 -6.15
CA LYS B 183 -18.41 -28.38 -5.13
C LYS B 183 -18.83 -28.78 -3.69
N THR B 184 -17.86 -29.33 -2.93
CA THR B 184 -17.93 -29.80 -1.53
C THR B 184 -17.15 -28.83 -0.61
N PHE B 185 -17.63 -28.68 0.61
CA PHE B 185 -17.07 -27.78 1.61
C PHE B 185 -16.95 -28.50 2.93
N ALA B 186 -16.05 -27.98 3.79
CA ALA B 186 -15.90 -28.42 5.18
C ALA B 186 -16.76 -27.45 6.02
N MET B 187 -17.81 -27.98 6.63
CA MET B 187 -18.69 -27.22 7.51
C MET B 187 -18.26 -27.46 8.99
N LYS B 188 -17.54 -26.50 9.59
CA LYS B 188 -17.17 -26.59 11.00
C LYS B 188 -18.36 -26.09 11.85
N ILE B 189 -18.97 -26.98 12.67
CA ILE B 189 -20.11 -26.65 13.56
C ILE B 189 -19.61 -26.61 14.99
N LEU B 190 -19.78 -25.47 15.65
CA LEU B 190 -19.24 -25.19 16.98
C LEU B 190 -20.35 -25.00 18.00
N LYS B 191 -20.22 -25.64 19.18
CA LYS B 191 -21.15 -25.45 20.29
C LYS B 191 -20.84 -24.07 20.89
N LYS B 192 -21.84 -23.16 20.93
CA LYS B 192 -21.65 -21.82 21.48
C LYS B 192 -21.34 -21.83 22.98
N ARG B 193 -21.99 -22.74 23.72
CA ARG B 193 -21.77 -22.94 25.14
C ARG B 193 -20.28 -23.20 25.35
N HIS B 194 -19.66 -24.09 24.55
CA HIS B 194 -18.24 -24.43 24.69
C HIS B 194 -17.36 -23.20 24.43
N ILE B 195 -17.72 -22.34 23.47
CA ILE B 195 -17.01 -21.09 23.22
C ILE B 195 -17.10 -20.15 24.46
N VAL B 196 -18.29 -20.10 25.08
CA VAL B 196 -18.54 -19.24 26.24
C VAL B 196 -17.82 -19.78 27.47
N ASP B 197 -17.84 -21.12 27.65
CA ASP B 197 -17.19 -21.78 28.80
C ASP B 197 -15.69 -21.62 28.77
N THR B 198 -15.11 -21.56 27.56
CA THR B 198 -13.68 -21.38 27.36
C THR B 198 -13.27 -19.88 27.19
N ARG B 199 -14.25 -18.95 27.14
CA ARG B 199 -14.01 -17.50 26.98
C ARG B 199 -13.31 -17.18 25.63
N GLN B 200 -13.77 -17.82 24.53
CA GLN B 200 -13.21 -17.61 23.19
C GLN B 200 -14.15 -16.81 22.30
N GLN B 201 -15.03 -15.95 22.87
CA GLN B 201 -15.96 -15.14 22.07
C GLN B 201 -15.21 -14.25 21.09
N GLU B 202 -14.18 -13.53 21.56
CA GLU B 202 -13.40 -12.67 20.68
C GLU B 202 -12.41 -13.44 19.84
N HIS B 203 -11.87 -14.54 20.36
CA HIS B 203 -10.97 -15.43 19.63
C HIS B 203 -11.64 -15.91 18.35
N ILE B 204 -12.93 -16.29 18.43
CA ILE B 204 -13.69 -16.74 17.28
C ILE B 204 -14.19 -15.55 16.44
N ARG B 205 -14.52 -14.43 17.07
CA ARG B 205 -14.99 -13.23 16.36
C ARG B 205 -13.88 -12.70 15.41
N SER B 206 -12.59 -12.79 15.86
CA SER B 206 -11.38 -12.45 15.08
C SER B 206 -11.09 -13.52 14.01
N GLU B 207 -11.32 -14.84 14.33
CA GLU B 207 -11.14 -15.96 13.40
C GLU B 207 -12.01 -15.75 12.17
N LYS B 208 -13.29 -15.33 12.36
CA LYS B 208 -14.19 -15.04 11.24
C LYS B 208 -13.63 -13.86 10.39
N GLN B 209 -13.23 -12.76 11.04
CA GLN B 209 -12.75 -11.57 10.35
C GLN B 209 -11.49 -11.86 9.50
N ILE B 210 -10.51 -12.55 10.09
CA ILE B 210 -9.26 -12.93 9.40
C ILE B 210 -9.48 -13.99 8.33
N MET B 211 -10.08 -15.16 8.63
CA MET B 211 -10.22 -16.21 7.60
C MET B 211 -11.11 -15.85 6.40
N GLN B 212 -12.04 -14.88 6.55
CA GLN B 212 -12.85 -14.41 5.41
C GLN B 212 -12.02 -13.39 4.61
N GLY B 213 -11.25 -12.54 5.30
CA GLY B 213 -10.39 -11.55 4.66
C GLY B 213 -9.18 -12.10 3.94
N ALA B 214 -8.69 -13.31 4.33
CA ALA B 214 -7.51 -13.96 3.71
C ALA B 214 -7.77 -14.64 2.36
N HIS B 215 -6.87 -14.38 1.34
CA HIS B 215 -6.89 -14.97 0.00
C HIS B 215 -5.51 -15.56 -0.29
N SER B 216 -5.27 -16.77 0.19
CA SER B 216 -3.97 -17.43 0.05
C SER B 216 -4.10 -18.92 -0.22
N ASP B 217 -3.33 -19.44 -1.16
CA ASP B 217 -3.39 -20.86 -1.48
C ASP B 217 -2.77 -21.72 -0.38
N PHE B 218 -2.16 -21.10 0.66
CA PHE B 218 -1.61 -21.83 1.82
C PHE B 218 -2.46 -21.60 3.08
N ILE B 219 -3.72 -21.16 2.90
CA ILE B 219 -4.64 -20.90 3.99
C ILE B 219 -6.00 -21.37 3.55
N VAL B 220 -6.68 -22.18 4.39
CA VAL B 220 -8.01 -22.71 4.10
C VAL B 220 -9.02 -21.49 3.94
N ARG B 221 -9.77 -21.40 2.79
CA ARG B 221 -10.74 -20.32 2.58
C ARG B 221 -11.93 -20.46 3.51
N LEU B 222 -12.51 -19.34 3.94
CA LEU B 222 -13.74 -19.29 4.74
C LEU B 222 -14.68 -18.42 3.93
N TYR B 223 -15.72 -19.03 3.38
CA TYR B 223 -16.68 -18.36 2.50
C TYR B 223 -17.68 -17.52 3.27
N ARG B 224 -18.32 -18.12 4.28
CA ARG B 224 -19.24 -17.40 5.15
C ARG B 224 -19.47 -18.19 6.38
N THR B 225 -20.28 -17.64 7.28
CA THR B 225 -20.69 -18.31 8.50
C THR B 225 -22.23 -18.23 8.64
N PHE B 226 -22.80 -19.12 9.46
CA PHE B 226 -24.22 -19.11 9.81
C PHE B 226 -24.32 -19.21 11.30
N LYS B 227 -25.52 -18.99 11.83
CA LYS B 227 -25.77 -19.10 13.26
C LYS B 227 -27.25 -19.46 13.56
N ASP B 228 -27.44 -20.14 14.68
CA ASP B 228 -28.74 -20.42 15.27
C ASP B 228 -28.50 -20.28 16.77
N SER B 229 -29.50 -20.52 17.60
CA SER B 229 -29.38 -20.36 19.04
C SER B 229 -28.37 -21.31 19.72
N LYS B 230 -28.03 -22.47 19.10
CA LYS B 230 -27.09 -23.45 19.68
C LYS B 230 -25.71 -23.39 19.06
N TYR B 231 -25.61 -23.48 17.73
CA TYR B 231 -24.29 -23.55 17.09
C TYR B 231 -23.91 -22.43 16.13
N LEU B 232 -22.59 -22.30 15.90
CA LEU B 232 -21.98 -21.43 14.89
C LEU B 232 -21.52 -22.34 13.75
N TYR B 233 -21.78 -21.96 12.50
CA TYR B 233 -21.39 -22.76 11.33
C TYR B 233 -20.36 -22.02 10.49
N MET B 234 -19.22 -22.66 10.13
CA MET B 234 -18.18 -21.99 9.33
C MET B 234 -18.02 -22.74 7.99
N LEU B 235 -18.45 -22.13 6.84
CA LEU B 235 -18.32 -22.77 5.52
C LEU B 235 -16.95 -22.49 4.89
N MET B 236 -16.07 -23.51 4.92
CA MET B 236 -14.71 -23.43 4.40
C MET B 236 -14.54 -24.37 3.24
N GLU B 237 -13.37 -24.28 2.57
CA GLU B 237 -13.04 -25.19 1.47
C GLU B 237 -12.64 -26.57 1.99
N ALA B 238 -12.99 -27.59 1.21
CA ALA B 238 -12.70 -28.98 1.52
C ALA B 238 -11.27 -29.31 1.05
N CYS B 239 -10.43 -29.70 2.00
CA CYS B 239 -9.06 -30.13 1.77
C CYS B 239 -9.08 -31.62 2.06
N LEU B 240 -9.41 -32.42 1.03
CA LEU B 240 -9.62 -33.86 1.14
C LEU B 240 -8.34 -34.72 1.22
N GLY B 241 -7.18 -34.09 1.39
CA GLY B 241 -5.91 -34.81 1.45
C GLY B 241 -5.64 -35.48 2.77
N GLY B 242 -6.19 -34.91 3.83
CA GLY B 242 -6.05 -35.46 5.19
C GLY B 242 -5.29 -34.58 6.16
N GLU B 243 -5.56 -34.82 7.44
CA GLU B 243 -4.90 -34.12 8.56
C GLU B 243 -3.39 -34.42 8.62
N LEU B 244 -2.56 -33.38 8.74
CA LEU B 244 -1.11 -33.60 8.76
C LEU B 244 -0.71 -34.38 10.01
N TRP B 245 -1.36 -34.09 11.16
CA TRP B 245 -1.08 -34.80 12.41
C TRP B 245 -1.35 -36.34 12.31
N THR B 246 -2.32 -36.78 11.44
CA THR B 246 -2.61 -38.22 11.26
C THR B 246 -1.60 -38.85 10.35
N ILE B 247 -1.16 -38.15 9.27
CA ILE B 247 -0.15 -38.66 8.33
C ILE B 247 1.15 -38.79 9.11
N LEU B 248 1.53 -37.74 9.89
CA LEU B 248 2.70 -37.77 10.77
C LEU B 248 2.59 -38.93 11.78
N ARG B 249 1.39 -39.16 12.39
CA ARG B 249 1.16 -40.27 13.34
C ARG B 249 1.37 -41.66 12.66
N ASP B 250 0.71 -41.86 11.50
CA ASP B 250 0.79 -43.10 10.73
C ASP B 250 2.21 -43.36 10.21
N ARG B 251 2.95 -42.28 9.84
CA ARG B 251 4.33 -42.40 9.32
C ARG B 251 5.43 -42.29 10.39
N GLY B 252 5.14 -41.73 11.58
CA GLY B 252 6.10 -41.58 12.67
C GLY B 252 6.85 -40.26 12.63
N SER B 253 7.62 -40.08 11.57
CA SER B 253 8.34 -38.83 11.30
C SER B 253 8.38 -38.62 9.79
N PHE B 254 8.91 -37.47 9.35
CA PHE B 254 9.02 -37.13 7.93
C PHE B 254 10.46 -36.91 7.53
N GLU B 255 10.75 -37.17 6.26
CA GLU B 255 12.08 -36.99 5.67
C GLU B 255 12.39 -35.51 5.45
N ASP B 256 13.68 -35.19 5.34
CA ASP B 256 14.15 -33.82 5.12
C ASP B 256 13.40 -33.15 3.98
N SER B 257 13.32 -33.82 2.82
CA SER B 257 12.63 -33.31 1.62
C SER B 257 11.13 -33.13 1.85
N THR B 258 10.50 -34.12 2.55
CA THR B 258 9.05 -34.10 2.88
C THR B 258 8.73 -32.90 3.79
N THR B 259 9.49 -32.80 4.92
CA THR B 259 9.38 -31.69 5.88
C THR B 259 9.58 -30.33 5.22
N ARG B 260 10.53 -30.25 4.29
CA ARG B 260 10.89 -29.04 3.52
C ARG B 260 9.71 -28.49 2.73
N PHE B 261 8.91 -29.35 2.07
CA PHE B 261 7.72 -28.95 1.32
C PHE B 261 6.65 -28.36 2.27
N TYR B 262 6.38 -29.05 3.40
CA TYR B 262 5.39 -28.57 4.37
C TYR B 262 5.87 -27.30 5.03
N THR B 263 7.14 -27.25 5.48
CA THR B 263 7.68 -26.04 6.10
C THR B 263 7.57 -24.86 5.14
N ALA B 264 7.80 -25.10 3.83
CA ALA B 264 7.72 -24.07 2.80
C ALA B 264 6.29 -23.57 2.61
N CYS B 265 5.30 -24.47 2.74
CA CYS B 265 3.89 -24.10 2.62
C CYS B 265 3.51 -23.13 3.77
N VAL B 266 4.09 -23.35 4.97
CA VAL B 266 3.86 -22.48 6.12
C VAL B 266 4.54 -21.13 5.89
N VAL B 267 5.76 -21.15 5.34
CA VAL B 267 6.53 -19.93 5.06
C VAL B 267 5.71 -18.97 4.18
N GLU B 268 5.10 -19.50 3.12
CA GLU B 268 4.26 -18.70 2.24
C GLU B 268 3.00 -18.19 2.97
N ALA B 269 2.33 -19.08 3.75
CA ALA B 269 1.17 -18.69 4.53
C ALA B 269 1.56 -17.53 5.50
N PHE B 270 2.66 -17.70 6.26
CA PHE B 270 3.17 -16.69 7.17
C PHE B 270 3.50 -15.41 6.45
N ALA B 271 4.27 -15.52 5.33
CA ALA B 271 4.62 -14.35 4.51
C ALA B 271 3.39 -13.52 4.13
N TYR B 272 2.26 -14.19 3.81
CA TYR B 272 1.01 -13.50 3.50
C TYR B 272 0.42 -12.82 4.74
N LEU B 273 0.31 -13.58 5.84
CA LEU B 273 -0.29 -13.07 7.06
C LEU B 273 0.54 -11.93 7.62
N HIS B 274 1.85 -12.12 7.68
CA HIS B 274 2.76 -11.12 8.22
C HIS B 274 2.75 -9.84 7.39
N SER B 275 2.46 -9.92 6.06
CA SER B 275 2.36 -8.73 5.22
C SER B 275 1.11 -7.86 5.53
N LYS B 276 0.14 -8.44 6.28
CA LYS B 276 -1.10 -7.79 6.71
C LYS B 276 -1.08 -7.45 8.22
N GLY B 277 0.02 -7.75 8.91
CA GLY B 277 0.15 -7.51 10.35
C GLY B 277 -0.59 -8.52 11.20
N ILE B 278 -0.77 -9.75 10.72
CA ILE B 278 -1.47 -10.78 11.46
C ILE B 278 -0.48 -11.81 12.04
N ILE B 279 -0.62 -12.13 13.31
CA ILE B 279 0.12 -13.19 13.99
C ILE B 279 -0.75 -14.45 13.93
N TYR B 280 -0.15 -15.63 13.66
CA TYR B 280 -0.87 -16.90 13.62
C TYR B 280 -1.00 -17.53 15.04
N ARG B 281 0.11 -17.67 15.81
CA ARG B 281 0.18 -18.22 17.19
C ARG B 281 -0.17 -19.70 17.41
N ASP B 282 -0.83 -20.35 16.48
CA ASP B 282 -1.30 -21.69 16.71
C ASP B 282 -0.61 -22.78 15.90
N LEU B 283 0.58 -22.53 15.38
CA LEU B 283 1.27 -23.54 14.56
C LEU B 283 1.66 -24.81 15.36
N LYS B 284 1.30 -25.97 14.77
CA LYS B 284 1.56 -27.32 15.23
C LYS B 284 0.97 -28.25 14.17
N PRO B 285 1.41 -29.52 14.05
CA PRO B 285 0.85 -30.41 12.99
C PRO B 285 -0.68 -30.43 12.89
N GLU B 286 -1.37 -30.28 14.03
CA GLU B 286 -2.84 -30.28 14.08
C GLU B 286 -3.46 -29.13 13.26
N ASN B 287 -2.71 -28.00 13.12
CA ASN B 287 -3.16 -26.83 12.39
C ASN B 287 -2.90 -26.89 10.86
N LEU B 288 -2.43 -28.06 10.33
CA LEU B 288 -2.13 -28.25 8.92
C LEU B 288 -2.99 -29.37 8.33
N ILE B 289 -3.52 -29.16 7.13
CA ILE B 289 -4.37 -30.11 6.40
C ILE B 289 -3.89 -30.19 4.92
N LEU B 290 -3.73 -31.38 4.34
CA LEU B 290 -3.33 -31.45 2.93
C LEU B 290 -4.59 -31.41 2.07
N ASP B 291 -4.43 -30.98 0.80
CA ASP B 291 -5.53 -30.98 -0.16
C ASP B 291 -5.39 -32.21 -1.05
N HIS B 292 -6.32 -32.42 -2.01
CA HIS B 292 -6.27 -33.56 -2.94
C HIS B 292 -4.97 -33.67 -3.75
N ARG B 293 -4.21 -32.55 -3.92
CA ARG B 293 -2.92 -32.54 -4.61
C ARG B 293 -1.76 -32.90 -3.65
N GLY B 294 -1.96 -32.74 -2.34
CA GLY B 294 -0.93 -32.98 -1.32
C GLY B 294 -0.27 -31.68 -0.88
N TYR B 295 -0.89 -30.52 -1.25
CA TYR B 295 -0.44 -29.19 -0.85
C TYR B 295 -1.08 -28.83 0.50
N ALA B 296 -0.25 -28.38 1.45
CA ALA B 296 -0.67 -28.03 2.81
C ALA B 296 -1.23 -26.58 2.97
N LYS B 297 -2.23 -26.41 3.88
CA LYS B 297 -2.85 -25.13 4.21
C LYS B 297 -3.02 -24.99 5.75
N LEU B 298 -2.88 -23.76 6.28
CA LEU B 298 -3.11 -23.47 7.71
C LEU B 298 -4.60 -23.53 7.87
N VAL B 299 -5.14 -24.12 8.96
CA VAL B 299 -6.59 -24.28 9.07
C VAL B 299 -7.26 -23.49 10.23
N ASP B 300 -6.69 -23.53 11.44
CA ASP B 300 -7.32 -22.92 12.62
C ASP B 300 -6.75 -21.53 12.95
N PHE B 301 -7.61 -20.50 12.88
CA PHE B 301 -7.21 -19.11 13.18
C PHE B 301 -7.87 -18.59 14.46
N GLY B 302 -8.07 -19.50 15.42
CA GLY B 302 -8.67 -19.18 16.72
C GLY B 302 -7.80 -18.25 17.53
N PHE B 303 -6.48 -18.52 17.57
CA PHE B 303 -5.51 -17.70 18.32
C PHE B 303 -4.86 -16.61 17.45
N ALA B 304 -5.16 -16.55 16.12
CA ALA B 304 -4.60 -15.53 15.20
C ALA B 304 -5.16 -14.16 15.51
N LYS B 305 -4.45 -13.07 15.13
CA LYS B 305 -4.88 -11.69 15.46
C LYS B 305 -4.11 -10.60 14.71
N LYS B 306 -4.83 -9.54 14.24
CA LYS B 306 -4.21 -8.35 13.63
C LYS B 306 -3.48 -7.59 14.75
N ILE B 307 -2.32 -7.02 14.43
CA ILE B 307 -1.48 -6.26 15.37
C ILE B 307 -1.28 -4.88 14.79
N GLY B 308 -1.33 -3.83 15.62
CA GLY B 308 -1.09 -2.44 15.21
C GLY B 308 0.33 -2.26 14.72
N PHE B 309 0.66 -1.14 14.08
CA PHE B 309 1.98 -0.98 13.49
C PHE B 309 3.13 -1.18 14.52
N GLY B 310 3.38 -0.27 15.44
CA GLY B 310 4.50 -0.44 16.36
C GLY B 310 4.11 -1.11 17.66
N LYS B 311 3.14 -2.04 17.61
CA LYS B 311 2.60 -2.63 18.82
C LYS B 311 2.86 -4.12 19.00
N LYS B 312 2.78 -4.53 20.26
CA LYS B 312 2.89 -5.92 20.73
C LYS B 312 1.53 -6.31 21.34
N THR B 313 1.31 -7.63 21.52
CA THR B 313 0.11 -8.18 22.14
C THR B 313 0.60 -8.99 23.34
N TRP B 314 -0.28 -9.26 24.31
CA TRP B 314 0.16 -9.87 25.58
C TRP B 314 -0.66 -11.09 26.07
N PHE B 316 -1.66 -14.81 26.89
CA PHE B 316 -0.92 -16.06 27.11
C PHE B 316 -1.85 -17.16 26.65
N CYS B 317 -1.55 -17.73 25.50
CA CYS B 317 -2.34 -18.82 24.95
C CYS B 317 -1.47 -19.73 24.09
N GLY B 318 -2.04 -20.85 23.65
CA GLY B 318 -1.36 -21.84 22.84
C GLY B 318 -0.86 -23.05 23.63
N THR B 319 -0.70 -24.19 22.90
CA THR B 319 -0.17 -25.48 23.41
C THR B 319 1.25 -25.23 23.96
N PRO B 320 1.54 -25.58 25.23
CA PRO B 320 2.87 -25.26 25.82
C PRO B 320 4.13 -25.60 25.02
N GLU B 321 4.11 -26.65 24.18
CA GLU B 321 5.27 -27.08 23.42
C GLU B 321 5.68 -26.12 22.28
N TYR B 322 4.75 -25.24 21.82
CA TYR B 322 4.99 -24.29 20.73
C TYR B 322 5.04 -22.83 21.18
N VAL B 323 4.84 -22.55 22.48
CA VAL B 323 4.84 -21.18 23.02
C VAL B 323 6.26 -20.59 22.99
N ALA B 324 6.43 -19.36 22.45
CA ALA B 324 7.74 -18.67 22.37
C ALA B 324 8.15 -18.07 23.76
N PRO B 325 9.48 -17.87 24.04
CA PRO B 325 9.90 -17.36 25.37
C PRO B 325 9.30 -16.03 25.81
N GLU B 326 9.22 -15.07 24.87
CA GLU B 326 8.63 -13.76 25.13
C GLU B 326 7.16 -13.82 25.59
N ILE B 327 6.40 -14.89 25.22
CA ILE B 327 5.01 -15.09 25.63
C ILE B 327 5.01 -15.53 27.08
N ILE B 328 5.77 -16.64 27.40
CA ILE B 328 5.90 -17.25 28.75
C ILE B 328 6.30 -16.20 29.82
N LEU B 329 7.26 -15.31 29.44
CA LEU B 329 7.83 -14.27 30.31
C LEU B 329 6.97 -13.01 30.47
N ASN B 330 5.86 -12.87 29.75
CA ASN B 330 4.95 -11.72 29.80
C ASN B 330 5.60 -10.42 29.36
N LYS B 331 6.48 -10.54 28.39
CA LYS B 331 7.06 -9.41 27.71
C LYS B 331 6.05 -9.43 26.56
N GLY B 332 6.02 -8.44 25.71
CA GLY B 332 5.05 -8.49 24.62
C GLY B 332 5.48 -9.45 23.53
N HIS B 333 4.62 -9.63 22.51
CA HIS B 333 4.96 -10.46 21.36
C HIS B 333 4.28 -9.95 20.11
N ASP B 334 4.91 -10.21 18.95
CA ASP B 334 4.39 -9.82 17.63
C ASP B 334 4.61 -10.97 16.62
N ILE B 335 4.54 -10.66 15.30
CA ILE B 335 4.78 -11.59 14.18
C ILE B 335 5.96 -12.55 14.41
N SER B 336 7.03 -12.07 15.08
CA SER B 336 8.23 -12.85 15.34
C SER B 336 8.04 -14.13 16.17
N ALA B 337 6.93 -14.29 16.88
CA ALA B 337 6.70 -15.52 17.61
C ALA B 337 6.37 -16.66 16.64
N ASP B 338 5.86 -16.35 15.43
CA ASP B 338 5.55 -17.37 14.42
C ASP B 338 6.80 -18.00 13.86
N TYR B 339 7.91 -17.22 13.80
CA TYR B 339 9.19 -17.78 13.32
C TYR B 339 9.69 -18.80 14.35
N TRP B 340 9.55 -18.52 15.69
CA TRP B 340 9.87 -19.50 16.73
C TRP B 340 9.13 -20.83 16.43
N SER B 341 7.78 -20.76 16.24
CA SER B 341 6.93 -21.92 15.96
C SER B 341 7.33 -22.73 14.73
N LEU B 342 7.88 -22.08 13.72
CA LEU B 342 8.36 -22.73 12.50
C LEU B 342 9.55 -23.68 12.83
N GLY B 343 10.46 -23.22 13.71
CA GLY B 343 11.59 -24.01 14.19
C GLY B 343 11.14 -25.21 15.02
N ILE B 344 10.08 -25.02 15.84
CA ILE B 344 9.49 -26.09 16.65
C ILE B 344 8.80 -27.14 15.72
N LEU B 345 8.05 -26.66 14.69
CA LEU B 345 7.35 -27.57 13.78
C LEU B 345 8.35 -28.36 12.97
N MET B 346 9.44 -27.73 12.48
CA MET B 346 10.48 -28.45 11.71
C MET B 346 10.98 -29.67 12.52
N TYR B 347 11.39 -29.40 13.76
CA TYR B 347 11.92 -30.37 14.72
C TYR B 347 10.99 -31.56 14.95
N GLU B 348 9.70 -31.29 15.18
CA GLU B 348 8.73 -32.38 15.41
C GLU B 348 8.48 -33.15 14.11
N LEU B 349 8.42 -32.48 12.98
CA LEU B 349 8.18 -33.20 11.73
C LEU B 349 9.31 -34.17 11.42
N LEU B 350 10.58 -33.81 11.77
CA LEU B 350 11.76 -34.65 11.51
C LEU B 350 11.95 -35.76 12.55
N THR B 351 11.52 -35.59 13.81
CA THR B 351 11.69 -36.58 14.91
C THR B 351 10.39 -37.19 15.48
N GLY B 352 9.24 -36.63 15.13
CA GLY B 352 7.95 -37.07 15.65
C GLY B 352 7.60 -36.50 17.03
N SER B 353 8.52 -35.70 17.64
CA SER B 353 8.35 -35.13 18.99
C SER B 353 8.99 -33.75 19.02
N PRO B 354 8.31 -32.69 19.56
CA PRO B 354 8.97 -31.37 19.64
C PRO B 354 10.12 -31.32 20.65
N PRO B 355 10.98 -30.28 20.58
CA PRO B 355 12.20 -30.27 21.41
C PRO B 355 12.01 -30.05 22.89
N PHE B 356 11.06 -29.19 23.25
CA PHE B 356 10.76 -28.81 24.63
C PHE B 356 9.49 -29.49 25.12
N SER B 357 9.61 -30.43 26.08
CA SER B 357 8.43 -31.08 26.63
C SER B 357 8.66 -31.60 28.04
N GLY B 358 7.86 -31.11 28.98
CA GLY B 358 7.86 -31.53 30.37
C GLY B 358 6.58 -32.25 30.72
N PRO B 359 6.47 -32.78 31.96
CA PRO B 359 5.25 -33.50 32.34
C PRO B 359 4.00 -32.64 32.55
N ASP B 360 4.14 -31.30 32.59
CA ASP B 360 3.01 -30.38 32.73
C ASP B 360 3.40 -29.05 32.05
N PRO B 361 2.48 -28.06 31.90
CA PRO B 361 2.83 -26.81 31.23
C PRO B 361 4.00 -26.05 31.84
N MET B 362 4.03 -25.93 33.16
CA MET B 362 5.07 -25.18 33.87
C MET B 362 6.40 -25.81 33.68
N LYS B 363 6.49 -27.15 33.69
CA LYS B 363 7.78 -27.82 33.48
C LYS B 363 8.22 -27.64 32.02
N THR B 364 7.29 -27.76 31.05
CA THR B 364 7.58 -27.49 29.64
C THR B 364 8.08 -26.04 29.49
N TYR B 365 7.39 -25.04 30.13
CA TYR B 365 7.82 -23.61 30.07
C TYR B 365 9.26 -23.42 30.61
N ASN B 366 9.71 -24.26 31.56
CA ASN B 366 11.06 -24.18 32.12
C ASN B 366 12.15 -24.65 31.15
N ILE B 367 11.83 -25.61 30.25
CA ILE B 367 12.79 -26.18 29.27
C ILE B 367 12.95 -25.16 28.11
N ILE B 368 11.82 -24.57 27.68
CA ILE B 368 11.78 -23.58 26.61
C ILE B 368 12.68 -22.41 26.99
N LEU B 369 12.60 -21.96 28.25
CA LEU B 369 13.40 -20.85 28.76
C LEU B 369 14.90 -21.13 28.84
N ARG B 370 15.34 -22.38 28.90
CA ARG B 370 16.77 -22.68 28.89
C ARG B 370 17.38 -22.61 27.44
N GLY B 371 16.53 -22.74 26.39
CA GLY B 371 16.92 -22.48 25.01
C GLY B 371 17.14 -23.65 24.07
N ILE B 372 17.23 -23.33 22.75
CA ILE B 372 17.51 -24.30 21.69
C ILE B 372 19.00 -24.67 21.72
N ASP B 373 19.86 -23.76 22.22
CA ASP B 373 21.29 -24.03 22.32
C ASP B 373 21.59 -25.04 23.44
N MET B 374 20.67 -25.23 24.37
CA MET B 374 20.81 -26.18 25.47
C MET B 374 20.25 -27.59 25.15
N ILE B 375 19.80 -27.88 23.91
CA ILE B 375 19.32 -29.23 23.55
C ILE B 375 20.24 -29.86 22.48
N GLU B 376 20.46 -31.19 22.58
CA GLU B 376 21.27 -31.97 21.64
C GLU B 376 20.39 -32.43 20.50
N PHE B 377 20.73 -32.04 19.27
CA PHE B 377 19.89 -32.36 18.12
C PHE B 377 20.18 -33.76 17.64
N PRO B 378 19.16 -34.64 17.51
CA PRO B 378 19.43 -36.01 17.01
C PRO B 378 20.19 -36.04 15.68
N LYS B 379 20.94 -37.13 15.43
CA LYS B 379 21.70 -37.29 14.19
C LYS B 379 20.76 -37.29 12.96
N LYS B 380 19.46 -37.70 13.17
CA LYS B 380 18.40 -37.72 12.15
C LYS B 380 18.23 -36.33 11.48
N ILE B 381 18.34 -35.23 12.26
CA ILE B 381 18.17 -33.86 11.76
C ILE B 381 19.44 -33.47 11.03
N ALA B 382 19.32 -33.13 9.73
CA ALA B 382 20.42 -32.72 8.85
C ALA B 382 21.02 -31.42 9.34
N LYS B 383 22.35 -31.27 9.25
CA LYS B 383 23.07 -30.07 9.71
C LYS B 383 22.37 -28.74 9.32
N ASN B 384 21.87 -28.64 8.04
CA ASN B 384 21.19 -27.43 7.53
C ASN B 384 19.83 -27.20 8.19
N ALA B 385 19.06 -28.28 8.43
CA ALA B 385 17.77 -28.19 9.09
C ALA B 385 17.98 -27.74 10.53
N ALA B 386 19.00 -28.31 11.21
CA ALA B 386 19.34 -27.95 12.59
C ALA B 386 19.82 -26.51 12.64
N ASN B 387 20.59 -26.06 11.62
CA ASN B 387 21.11 -24.70 11.49
C ASN B 387 19.95 -23.68 11.48
N LEU B 388 18.92 -23.99 10.67
CA LEU B 388 17.71 -23.17 10.48
C LEU B 388 16.84 -23.18 11.74
N ILE B 389 16.64 -24.35 12.37
CA ILE B 389 15.85 -24.42 13.61
C ILE B 389 16.47 -23.53 14.67
N LYS B 390 17.80 -23.52 14.82
CA LYS B 390 18.49 -22.66 15.82
C LYS B 390 18.35 -21.17 15.50
N LYS B 391 18.31 -20.79 14.21
CA LYS B 391 18.15 -19.38 13.83
C LYS B 391 16.71 -18.90 14.08
N LEU B 392 15.74 -19.80 13.86
CA LEU B 392 14.33 -19.52 14.07
C LEU B 392 13.97 -19.53 15.56
N CYS B 393 14.64 -20.38 16.37
CA CYS B 393 14.39 -20.49 17.81
C CYS B 393 15.42 -19.73 18.65
N ARG B 394 15.54 -18.44 18.35
CA ARG B 394 16.42 -17.49 19.03
C ARG B 394 15.59 -16.93 20.16
N ASP B 395 16.15 -16.87 21.38
CA ASP B 395 15.48 -16.28 22.54
C ASP B 395 15.00 -14.86 22.23
N ASN B 396 15.91 -13.97 21.76
CA ASN B 396 15.52 -12.59 21.45
C ASN B 396 14.64 -12.54 20.16
N PRO B 397 13.33 -12.14 20.27
CA PRO B 397 12.51 -12.01 19.05
C PRO B 397 13.10 -11.09 17.99
N SER B 398 13.95 -10.09 18.37
CA SER B 398 14.61 -9.18 17.41
C SER B 398 15.71 -9.89 16.58
N GLU B 399 16.48 -10.80 17.22
CA GLU B 399 17.57 -11.54 16.58
C GLU B 399 17.12 -12.69 15.71
N ARG B 400 15.81 -12.96 15.66
CA ARG B 400 15.22 -14.13 15.01
C ARG B 400 15.14 -14.05 13.50
N LEU B 401 15.46 -15.16 12.83
CA LEU B 401 15.40 -15.26 11.36
C LEU B 401 13.95 -15.07 10.91
N GLY B 402 13.72 -14.09 10.04
CA GLY B 402 12.39 -13.74 9.58
C GLY B 402 11.98 -12.36 10.06
N ASN B 403 12.56 -11.92 11.20
CA ASN B 403 12.29 -10.64 11.82
C ASN B 403 13.49 -9.71 11.65
N LEU B 404 14.44 -10.08 10.77
CA LEU B 404 15.63 -9.28 10.51
C LEU B 404 15.49 -8.52 9.21
N LYS B 405 16.52 -7.75 8.88
CA LYS B 405 16.69 -6.96 7.67
C LYS B 405 15.78 -7.34 6.46
N ASN B 406 15.85 -8.59 5.97
CA ASN B 406 15.07 -8.94 4.77
C ASN B 406 13.74 -9.60 5.01
N GLY B 407 13.31 -9.75 6.27
CA GLY B 407 12.03 -10.36 6.56
C GLY B 407 12.04 -11.85 6.29
N VAL B 408 10.90 -12.36 5.73
CA VAL B 408 10.72 -13.79 5.44
C VAL B 408 11.64 -14.27 4.30
N LYS B 409 12.16 -13.37 3.44
CA LYS B 409 13.13 -13.74 2.39
C LYS B 409 14.40 -14.36 3.00
N ASP B 410 14.79 -13.95 4.24
CA ASP B 410 15.95 -14.54 4.94
C ASP B 410 15.72 -16.01 5.29
N ILE B 411 14.46 -16.41 5.58
CA ILE B 411 14.12 -17.81 5.85
C ILE B 411 14.17 -18.53 4.48
N GLN B 412 13.47 -17.97 3.45
CA GLN B 412 13.42 -18.53 2.10
C GLN B 412 14.77 -18.69 1.40
N LYS B 413 15.74 -17.84 1.74
CA LYS B 413 17.08 -17.90 1.14
C LYS B 413 18.07 -18.78 1.89
N HIS B 414 17.65 -19.40 3.02
CA HIS B 414 18.52 -20.28 3.83
C HIS B 414 19.11 -21.46 3.02
N LYS B 415 20.27 -21.95 3.44
CA LYS B 415 21.00 -23.09 2.84
C LYS B 415 20.10 -24.32 2.66
N TRP B 416 19.24 -24.63 3.68
CA TRP B 416 18.29 -25.77 3.68
C TRP B 416 17.40 -25.73 2.44
N PHE B 417 16.86 -24.55 2.09
CA PHE B 417 16.05 -24.34 0.87
C PHE B 417 16.84 -24.17 -0.46
N GLU B 418 18.14 -24.55 -0.52
CA GLU B 418 18.90 -24.49 -1.77
C GLU B 418 18.41 -25.65 -2.64
N GLY B 419 18.01 -25.34 -3.85
CA GLY B 419 17.41 -26.32 -4.76
C GLY B 419 15.90 -26.32 -4.68
N PHE B 420 15.35 -25.64 -3.65
CA PHE B 420 13.92 -25.57 -3.45
C PHE B 420 13.32 -24.57 -4.41
N ASN B 421 12.40 -25.04 -5.26
CA ASN B 421 11.73 -24.22 -6.26
C ASN B 421 10.57 -23.45 -5.62
N TRP B 422 10.87 -22.29 -5.08
CA TRP B 422 9.84 -21.45 -4.46
C TRP B 422 8.75 -21.05 -5.43
N GLU B 423 9.10 -20.77 -6.69
CA GLU B 423 8.18 -20.30 -7.74
C GLU B 423 7.19 -21.38 -8.23
N GLY B 424 7.63 -22.64 -8.28
CA GLY B 424 6.79 -23.77 -8.66
C GLY B 424 5.80 -24.11 -7.56
N LEU B 425 6.19 -23.86 -6.29
CA LEU B 425 5.31 -24.05 -5.14
C LEU B 425 4.18 -23.03 -5.23
N ARG B 426 4.51 -21.74 -5.43
CA ARG B 426 3.48 -20.70 -5.56
C ARG B 426 2.60 -20.96 -6.79
N LYS B 427 3.18 -21.47 -7.90
CA LYS B 427 2.42 -21.78 -9.12
C LYS B 427 1.56 -23.05 -9.00
N GLY B 428 1.94 -23.96 -8.11
CA GLY B 428 1.24 -25.21 -7.89
C GLY B 428 1.74 -26.31 -8.81
N THR B 429 2.95 -26.12 -9.38
CA THR B 429 3.53 -27.08 -10.31
C THR B 429 4.56 -28.02 -9.63
N LEU B 430 5.03 -27.68 -8.43
CA LEU B 430 6.01 -28.47 -7.70
C LEU B 430 5.36 -29.76 -7.18
N THR B 431 5.92 -30.94 -7.50
CA THR B 431 5.36 -32.25 -7.11
C THR B 431 5.45 -32.49 -5.60
N PRO B 432 4.32 -32.59 -4.85
CA PRO B 432 4.42 -32.79 -3.39
C PRO B 432 5.03 -34.12 -2.95
N PRO B 433 5.49 -34.21 -1.69
CA PRO B 433 6.11 -35.45 -1.21
C PRO B 433 5.15 -36.64 -0.99
N ILE B 434 3.93 -36.37 -0.48
CA ILE B 434 2.95 -37.40 -0.21
C ILE B 434 1.73 -37.09 -1.07
N ILE B 435 1.47 -37.93 -2.09
CA ILE B 435 0.35 -37.75 -3.02
C ILE B 435 -0.89 -38.48 -2.49
N PRO B 436 -1.93 -37.76 -2.01
CA PRO B 436 -3.11 -38.48 -1.48
C PRO B 436 -4.02 -39.05 -2.58
N SER B 437 -4.74 -40.14 -2.22
CA SER B 437 -5.66 -40.86 -3.09
C SER B 437 -7.12 -40.40 -2.82
N VAL B 438 -7.59 -39.40 -3.61
CA VAL B 438 -8.93 -38.80 -3.52
C VAL B 438 -9.69 -39.13 -4.84
N ALA B 439 -10.60 -40.12 -4.81
CA ALA B 439 -11.32 -40.55 -6.00
C ALA B 439 -12.41 -39.60 -6.49
N SER B 440 -12.90 -38.68 -5.62
CA SER B 440 -13.96 -37.73 -5.96
C SER B 440 -14.06 -36.65 -4.90
N PRO B 441 -14.83 -35.55 -5.11
CA PRO B 441 -15.03 -34.56 -4.05
C PRO B 441 -15.72 -35.10 -2.78
N THR B 442 -16.46 -36.24 -2.85
CA THR B 442 -17.10 -36.88 -1.67
C THR B 442 -16.19 -37.94 -0.95
N ASP B 443 -14.89 -37.97 -1.25
CA ASP B 443 -13.98 -38.95 -0.67
C ASP B 443 -13.36 -38.51 0.67
N THR B 444 -13.81 -39.12 1.79
CA THR B 444 -13.24 -38.85 3.11
C THR B 444 -12.40 -40.05 3.60
N SER B 445 -11.87 -40.90 2.68
CA SER B 445 -11.08 -42.06 3.10
C SER B 445 -9.72 -41.69 3.72
N ASN B 446 -9.23 -40.45 3.49
CA ASN B 446 -7.96 -40.00 4.10
C ASN B 446 -8.16 -39.44 5.53
N PHE B 447 -9.37 -39.62 6.12
CA PHE B 447 -9.73 -39.18 7.48
C PHE B 447 -10.10 -40.35 8.34
N ASP B 448 -9.99 -40.17 9.67
CA ASP B 448 -10.37 -41.21 10.63
C ASP B 448 -11.87 -41.44 10.56
N SER B 449 -12.34 -42.57 11.10
CA SER B 449 -13.76 -42.89 11.13
C SER B 449 -14.32 -42.24 12.37
N PHE B 450 -15.44 -41.48 12.24
CA PHE B 450 -16.08 -40.77 13.34
C PHE B 450 -17.51 -41.24 13.52
N PRO B 451 -17.91 -41.65 14.74
CA PRO B 451 -19.31 -42.04 14.95
C PRO B 451 -20.24 -40.82 14.96
N GLU B 452 -21.53 -41.01 14.66
CA GLU B 452 -22.45 -39.88 14.65
C GLU B 452 -22.65 -39.23 16.05
N ASP B 453 -23.02 -37.94 16.06
CA ASP B 453 -23.29 -37.12 17.26
C ASP B 453 -24.34 -37.84 18.12
N ASN B 454 -23.88 -38.56 19.15
CA ASN B 454 -24.79 -39.33 19.98
C ASN B 454 -25.56 -38.52 20.99
N ASP B 455 -24.93 -37.52 21.62
CA ASP B 455 -25.56 -36.80 22.75
C ASP B 455 -26.57 -35.74 22.35
N GLU B 456 -27.32 -35.24 23.35
CA GLU B 456 -28.31 -34.19 23.15
C GLU B 456 -27.61 -32.84 22.94
N PRO B 457 -28.27 -31.86 22.29
CA PRO B 457 -27.57 -30.60 21.98
C PRO B 457 -27.27 -29.72 23.19
N PRO B 458 -26.35 -28.75 23.04
CA PRO B 458 -26.00 -27.89 24.17
C PRO B 458 -27.08 -26.85 24.44
N PRO B 459 -26.97 -26.08 25.54
CA PRO B 459 -27.99 -25.05 25.81
C PRO B 459 -27.99 -23.93 24.76
N ASP B 460 -29.11 -23.20 24.67
CA ASP B 460 -29.20 -22.04 23.79
C ASP B 460 -28.24 -20.95 24.29
N ASP B 461 -27.86 -20.04 23.38
CA ASP B 461 -27.06 -18.87 23.70
C ASP B 461 -27.55 -17.75 22.84
N ASN B 462 -28.43 -16.90 23.40
CA ASN B 462 -28.97 -15.74 22.70
C ASN B 462 -28.42 -14.42 23.28
N SER B 463 -27.18 -14.45 23.84
CA SER B 463 -26.48 -13.29 24.40
C SER B 463 -26.34 -12.15 23.39
N GLY B 464 -25.90 -12.49 22.18
CA GLY B 464 -25.74 -11.50 21.10
C GLY B 464 -24.32 -11.18 20.69
N TRP B 465 -23.31 -11.85 21.27
CA TRP B 465 -21.92 -11.68 20.84
C TRP B 465 -21.72 -12.27 19.41
N ASP B 466 -22.65 -13.15 19.04
CA ASP B 466 -22.96 -13.78 17.76
C ASP B 466 -23.33 -12.86 16.60
N ILE B 467 -23.81 -11.65 16.92
CA ILE B 467 -24.44 -10.70 15.99
C ILE B 467 -23.80 -10.67 14.57
N ASP B 468 -22.46 -10.74 14.48
CA ASP B 468 -21.74 -10.69 13.20
C ASP B 468 -21.80 -11.99 12.37
N PHE B 469 -22.09 -13.14 13.00
CA PHE B 469 -22.14 -14.42 12.29
C PHE B 469 -23.43 -14.60 11.41
#